data_7PFF
#
_entry.id   7PFF
#
_cell.length_a   1.00
_cell.length_b   1.00
_cell.length_c   1.00
_cell.angle_alpha   90.00
_cell.angle_beta   90.00
_cell.angle_gamma   90.00
#
_symmetry.space_group_name_H-M   'P 1'
#
loop_
_entity.id
_entity.type
_entity.pdbx_description
1 polymer 'Histone H3.2'
2 polymer 'Histone H4'
3 polymer 'Histone H2A type 1-B/E'
4 polymer 'Histone H2B type 1-K'
5 polymer 'DNA (167-MER)'
6 polymer 'DNA (167-MER)'
#
loop_
_entity_poly.entity_id
_entity_poly.type
_entity_poly.pdbx_seq_one_letter_code
_entity_poly.pdbx_strand_id
1 'polypeptide(L)'
;MARTKQTARKSTGGKAPRKQLATKAARKSAPATGGVKKPHRYRPGTVALREIRRYQKSTELLIRKLPFQRLVREIAQDFK
TDLRFQSSAVMALQEASEAYLVGLFEDTNLAAIHAKRVTIMPKDIQLARRIRGERA
;
K,O
2 'polypeptide(L)'
;MSGRGKGGKGLGKGGAKRHRKVLRDNIQGITKPAIRRLARRGGVKRISGLIYEETRGVLKVFLENVIRDAVTYTEHAKRK
TVTAMDVVYALKRQGRTLYGFGG
;
L,P
3 'polypeptide(L)'
;HHHHHHENLYFQSNAPWMSGRGKQGGKARAKAKTRSSRAGLQFPVGRVHRLLRKGNYSERVGAGAPVYLAAVLEYLTAEI
LELAGNAARDNKKTRIIPRHLQLAIRNDEELNKLLGRVTIAQGGVLPNIQAVLLPKKTESHHKAKGK
;
M,Q
4 'polypeptide(L)'
;MPEPAKSAPAPKKGSKKAVTKAQKKDGKKRKRSRKESYSVYVYKVLKQVHPDTGISSKAMGIMNSFVNDIFERIAGEASR
LAHYNKRSTITSREIQTAVRLLLPGELAKHAVSEGTKAVTKYTSAK
;
N,R
5 'polydeoxyribonucleotide'
;(DG)(DG)(DC)(DC)(DG)(DC)(DC)(DA)(DT)(DA)(DC)(DT)(DG)(DG)(DA)(DG)(DA)(DA)(DT)(DC)
(DC)(DC)(DG)(DG)(DT)(DG)(DC)(DC)(DG)(DA)(DG)(DG)(DC)(DC)(DG)(DC)(DT)(DC)(DA)(DA)
(DT)(DT)(DG)(DG)(DT)(DC)(DG)(DT)(DA)(DG)(DA)(DC)(DA)(DG)(DC)(DT)(DC)(DT)(DA)(DG)
(DC)(DA)(DC)(DC)(DG)(DC)(DT)(DT)(DA)(DA)(DA)(DC)(DG)(DC)(DA)(DC)(DG)(DT)(DA)(DC)
(DG)(DC)(DG)(DC)(DT)(DG)(DT)(DC)(DC)(DC)(DC)(DC)(DG)(DC)(DG)(DT)(DT)(DT)(DT)(DA)
(DA)(DC)(DC)(DG)(DC)(DC)(DA)(DA)(DG)(DG)(DG)(DG)(DA)(DT)(DT)(DA)(DC)(DT)(DC)(DC)
(DC)(DT)(DA)(DG)(DT)(DC)(DT)(DC)(DC)(DA)(DG)(DG)(DC)(DA)(DC)(DG)(DT)(DG)(DT)(DC)
(DA)(DG)(DA)(DT)(DA)(DT)(DA)(DT)(DA)(DC)(DA)(DT)(DC)(DC)(DT)(DG)(DT)(DC)(DA)(DT)
(DG)(DT)(DA)(DA)(DG)(DT)(DA)
;
I
6 'polydeoxyribonucleotide'
;(DT)(DA)(DC)(DT)(DT)(DA)(DC)(DA)(DT)(DG)(DA)(DC)(DA)(DG)(DG)(DA)(DT)(DG)(DT)(DA)
(DT)(DA)(DT)(DA)(DT)(DC)(DT)(DG)(DA)(DC)(DA)(DC)(DG)(DT)(DG)(DC)(DC)(DT)(DG)(DG)
(DA)(DG)(DA)(DC)(DT)(DA)(DG)(DG)(DG)(DA)(DG)(DT)(DA)(DA)(DT)(DC)(DC)(DC)(DC)(DT)
(DT)(DG)(DG)(DC)(DG)(DG)(DT)(DT)(DA)(DA)(DA)(DA)(DC)(DG)(DC)(DG)(DG)(DG)(DG)(DG)
(DA)(DC)(DA)(DG)(DC)(DG)(DC)(DG)(DT)(DA)(DC)(DG)(DT)(DG)(DC)(DG)(DT)(DT)(DT)(DA)
(DA)(DG)(DC)(DG)(DG)(DT)(DG)(DC)(DT)(DA)(DG)(DA)(DG)(DC)(DT)(DG)(DT)(DC)(DT)(DA)
(DC)(DG)(DA)(DC)(DC)(DA)(DA)(DT)(DT)(DG)(DA)(DG)(DC)(DG)(DG)(DC)(DC)(DT)(DC)(DG)
(DG)(DC)(DA)(DC)(DC)(DG)(DG)(DG)(DA)(DT)(DT)(DC)(DT)(DC)(DC)(DA)(DG)(DT)(DA)(DT)
(DG)(DG)(DC)(DG)(DG)(DC)(DC)
;
J
#
loop_
_chem_comp.id
_chem_comp.type
_chem_comp.name
_chem_comp.formula
DA DNA linking 2'-DEOXYADENOSINE-5'-MONOPHOSPHATE 'C10 H14 N5 O6 P'
DC DNA linking 2'-DEOXYCYTIDINE-5'-MONOPHOSPHATE 'C9 H14 N3 O7 P'
DG DNA linking 2'-DEOXYGUANOSINE-5'-MONOPHOSPHATE 'C10 H14 N5 O7 P'
DT DNA linking THYMIDINE-5'-MONOPHOSPHATE 'C10 H15 N2 O8 P'
#
# COMPACT_ATOMS: atom_id res chain seq x y z
N LYS A 38 56.05 -12.41 8.64
CA LYS A 38 54.79 -12.77 7.97
C LYS A 38 53.96 -11.53 7.68
N PRO A 39 53.30 -11.50 6.52
CA PRO A 39 52.34 -10.42 6.23
C PRO A 39 51.14 -10.52 7.15
N HIS A 40 50.55 -9.36 7.44
CA HIS A 40 49.43 -9.33 8.36
C HIS A 40 48.16 -9.85 7.70
N ARG A 41 47.45 -10.71 8.42
CA ARG A 41 46.23 -11.33 7.90
C ARG A 41 45.17 -11.30 8.99
N TYR A 42 44.05 -10.65 8.72
CA TYR A 42 42.93 -10.66 9.64
C TYR A 42 42.15 -11.96 9.50
N ARG A 43 41.49 -12.37 10.59
CA ARG A 43 40.68 -13.58 10.55
C ARG A 43 39.45 -13.36 9.68
N PRO A 44 38.91 -14.43 9.08
CA PRO A 44 37.74 -14.28 8.19
C PRO A 44 36.53 -13.73 8.93
N GLY A 45 36.00 -12.62 8.41
CA GLY A 45 34.94 -11.88 9.04
C GLY A 45 35.34 -10.55 9.62
N THR A 46 36.62 -10.37 9.97
CA THR A 46 37.10 -9.11 10.52
C THR A 46 36.99 -7.99 9.51
N VAL A 47 37.54 -8.20 8.31
CA VAL A 47 37.42 -7.24 7.23
C VAL A 47 35.97 -7.14 6.77
N ALA A 48 35.22 -8.24 6.87
CA ALA A 48 33.79 -8.19 6.59
C ALA A 48 33.08 -7.22 7.51
N LEU A 49 33.34 -7.32 8.82
CA LEU A 49 32.70 -6.41 9.78
C LEU A 49 33.21 -4.98 9.62
N ARG A 50 34.47 -4.82 9.22
CA ARG A 50 34.98 -3.49 8.93
C ARG A 50 34.26 -2.88 7.75
N GLU A 51 33.96 -3.71 6.75
CA GLU A 51 33.13 -3.27 5.64
C GLU A 51 31.70 -2.96 6.11
N ILE A 52 31.17 -3.75 7.05
CA ILE A 52 29.85 -3.47 7.60
C ILE A 52 29.79 -2.07 8.20
N ARG A 53 30.73 -1.76 9.09
CA ARG A 53 30.71 -0.45 9.74
C ARG A 53 31.03 0.65 8.73
N ARG A 54 31.93 0.37 7.79
CA ARG A 54 32.39 1.38 6.85
C ARG A 54 31.30 1.75 5.85
N TYR A 55 30.47 0.79 5.48
CA TYR A 55 29.39 1.13 4.56
C TYR A 55 28.08 1.47 5.25
N GLN A 56 27.92 1.17 6.54
CA GLN A 56 26.78 1.80 7.21
C GLN A 56 27.06 3.25 7.51
N LYS A 57 28.32 3.62 7.81
CA LYS A 57 28.60 5.03 8.04
C LYS A 57 28.60 5.80 6.73
N SER A 58 28.81 5.10 5.62
CA SER A 58 28.84 5.74 4.32
C SER A 58 27.44 6.16 3.89
N THR A 59 27.39 7.16 3.02
CA THR A 59 26.15 7.59 2.40
C THR A 59 26.20 7.54 0.88
N GLU A 60 27.37 7.30 0.30
CA GLU A 60 27.54 7.38 -1.14
C GLU A 60 26.94 6.15 -1.84
N LEU A 61 26.69 6.31 -3.13
CA LEU A 61 26.18 5.21 -3.94
C LEU A 61 27.26 4.16 -4.15
N LEU A 62 26.85 2.90 -4.12
CA LEU A 62 27.78 1.79 -4.20
C LEU A 62 27.88 1.18 -5.60
N ILE A 63 27.28 1.82 -6.58
CA ILE A 63 27.29 1.33 -7.95
C ILE A 63 28.09 2.31 -8.81
N ARG A 64 28.90 1.78 -9.72
CA ARG A 64 29.51 2.61 -10.74
C ARG A 64 28.42 3.22 -11.62
N LYS A 65 28.56 4.51 -11.91
CA LYS A 65 27.47 5.27 -12.51
C LYS A 65 27.27 4.90 -13.98
N LEU A 66 28.37 4.80 -14.73
CA LEU A 66 28.28 4.58 -16.17
C LEU A 66 27.70 3.21 -16.55
N PRO A 67 28.13 2.07 -15.96
CA PRO A 67 27.48 0.81 -16.35
C PRO A 67 26.05 0.69 -15.88
N PHE A 68 25.69 1.34 -14.77
CA PHE A 68 24.29 1.37 -14.37
C PHE A 68 23.46 2.14 -15.37
N GLN A 69 23.97 3.28 -15.85
CA GLN A 69 23.29 4.05 -16.89
C GLN A 69 23.18 3.24 -18.16
N ARG A 70 24.24 2.51 -18.50
CA ARG A 70 24.22 1.66 -19.68
C ARG A 70 23.19 0.55 -19.53
N LEU A 71 23.05 -0.01 -18.32
CA LEU A 71 22.09 -1.07 -18.10
C LEU A 71 20.65 -0.57 -18.18
N VAL A 72 20.38 0.62 -17.63
CA VAL A 72 19.01 1.12 -17.70
C VAL A 72 18.65 1.49 -19.14
N ARG A 73 19.62 2.02 -19.90
CA ARG A 73 19.40 2.24 -21.33
C ARG A 73 19.16 0.91 -22.05
N GLU A 74 19.92 -0.12 -21.67
CA GLU A 74 19.82 -1.44 -22.27
C GLU A 74 18.45 -2.05 -22.07
N ILE A 75 17.97 -2.05 -20.83
CA ILE A 75 16.68 -2.68 -20.53
C ILE A 75 15.55 -1.84 -21.10
N ALA A 76 15.66 -0.51 -21.01
CA ALA A 76 14.58 0.35 -21.49
C ALA A 76 14.49 0.37 -23.01
N GLN A 77 15.59 0.07 -23.71
CA GLN A 77 15.54 -0.01 -25.16
C GLN A 77 14.65 -1.16 -25.62
N ASP A 78 14.56 -2.23 -24.84
CA ASP A 78 13.67 -3.33 -25.14
C ASP A 78 12.21 -2.92 -25.13
N PHE A 79 11.83 -2.00 -24.24
CA PHE A 79 10.44 -1.60 -24.10
C PHE A 79 10.08 -0.44 -25.01
N LYS A 80 11.04 0.45 -25.27
CA LYS A 80 10.81 1.57 -26.17
C LYS A 80 12.15 1.98 -26.76
N THR A 81 12.17 2.23 -28.06
CA THR A 81 13.43 2.48 -28.75
C THR A 81 13.90 3.91 -28.54
N ASP A 82 15.23 4.08 -28.65
CA ASP A 82 15.93 5.36 -28.65
C ASP A 82 15.64 6.20 -27.40
N LEU A 83 15.46 5.56 -26.26
CA LEU A 83 15.11 6.29 -25.05
C LEU A 83 16.29 7.07 -24.49
N ARG A 84 16.01 8.30 -24.06
CA ARG A 84 17.00 9.16 -23.45
C ARG A 84 16.71 9.30 -21.96
N PHE A 85 17.79 9.44 -21.20
CA PHE A 85 17.70 9.44 -19.75
C PHE A 85 18.30 10.71 -19.18
N GLN A 86 17.52 11.42 -18.37
CA GLN A 86 18.10 12.41 -17.48
C GLN A 86 19.04 11.68 -16.53
N SER A 87 20.26 12.22 -16.38
CA SER A 87 21.25 11.58 -15.54
C SER A 87 20.80 11.56 -14.08
N SER A 88 20.12 12.62 -13.66
CA SER A 88 19.52 12.66 -12.32
C SER A 88 18.51 11.54 -12.14
N ALA A 89 17.74 11.23 -13.19
CA ALA A 89 16.84 10.08 -13.12
C ALA A 89 17.62 8.78 -13.00
N VAL A 90 18.78 8.71 -13.63
CA VAL A 90 19.62 7.51 -13.51
C VAL A 90 20.12 7.35 -12.07
N MET A 91 20.59 8.43 -11.45
CA MET A 91 21.00 8.30 -10.05
C MET A 91 19.80 8.11 -9.13
N ALA A 92 18.61 8.57 -9.54
CA ALA A 92 17.42 8.32 -8.74
C ALA A 92 17.07 6.84 -8.74
N LEU A 93 17.05 6.24 -9.93
CA LEU A 93 16.91 4.79 -10.05
C LEU A 93 17.99 4.06 -9.28
N GLN A 94 19.22 4.59 -9.33
CA GLN A 94 20.34 4.00 -8.63
C GLN A 94 20.09 3.96 -7.13
N GLU A 95 19.78 5.10 -6.52
CA GLU A 95 19.64 5.15 -5.08
C GLU A 95 18.41 4.39 -4.61
N ALA A 96 17.31 4.49 -5.38
CA ALA A 96 16.10 3.75 -5.02
C ALA A 96 16.34 2.25 -5.09
N SER A 97 17.04 1.80 -6.13
CA SER A 97 17.32 0.38 -6.26
C SER A 97 18.26 -0.08 -5.16
N GLU A 98 19.25 0.75 -4.84
CA GLU A 98 20.18 0.41 -3.77
C GLU A 98 19.46 0.23 -2.44
N ALA A 99 18.57 1.16 -2.12
CA ALA A 99 17.86 1.08 -0.84
C ALA A 99 16.83 -0.04 -0.85
N TYR A 100 16.22 -0.30 -2.01
CA TYR A 100 15.33 -1.44 -2.13
C TYR A 100 16.09 -2.75 -1.90
N LEU A 101 17.29 -2.85 -2.47
CA LEU A 101 18.11 -4.04 -2.23
C LEU A 101 18.54 -4.13 -0.78
N VAL A 102 18.87 -3.00 -0.15
CA VAL A 102 19.28 -3.01 1.26
C VAL A 102 18.13 -3.48 2.15
N GLY A 103 16.93 -2.98 1.90
CA GLY A 103 15.76 -3.48 2.60
C GLY A 103 15.54 -4.96 2.35
N LEU A 104 15.80 -5.41 1.12
CA LEU A 104 15.72 -6.83 0.81
C LEU A 104 16.74 -7.65 1.60
N PHE A 105 17.98 -7.16 1.73
CA PHE A 105 18.95 -7.94 2.48
C PHE A 105 18.71 -7.84 3.98
N GLU A 106 18.08 -6.76 4.43
CA GLU A 106 17.65 -6.70 5.82
C GLU A 106 16.63 -7.78 6.11
N ASP A 107 15.65 -7.93 5.23
CA ASP A 107 14.69 -9.02 5.37
C ASP A 107 15.38 -10.36 5.28
N THR A 108 16.36 -10.44 4.39
CA THR A 108 17.12 -11.66 4.16
C THR A 108 17.90 -12.10 5.39
N ASN A 109 18.63 -11.17 6.01
CA ASN A 109 19.48 -11.61 7.11
C ASN A 109 18.67 -11.73 8.40
N LEU A 110 17.52 -11.06 8.48
CA LEU A 110 16.55 -11.44 9.50
C LEU A 110 16.11 -12.87 9.32
N ALA A 111 15.85 -13.29 8.08
CA ALA A 111 15.54 -14.69 7.83
C ALA A 111 16.73 -15.59 8.13
N ALA A 112 17.94 -15.08 7.92
CA ALA A 112 19.14 -15.90 8.09
C ALA A 112 19.43 -16.14 9.57
N ILE A 113 19.34 -15.10 10.39
CA ILE A 113 19.45 -15.28 11.83
C ILE A 113 18.24 -16.04 12.35
N HIS A 114 17.10 -15.91 11.66
CA HIS A 114 16.00 -16.83 11.91
C HIS A 114 16.39 -18.26 11.53
N ALA A 115 17.11 -18.42 10.43
CA ALA A 115 17.54 -19.74 9.99
C ALA A 115 18.86 -20.18 10.61
N LYS A 116 19.34 -19.45 11.63
CA LYS A 116 20.56 -19.77 12.38
C LYS A 116 21.81 -19.75 11.50
N ARG A 117 21.77 -19.02 10.40
CA ARG A 117 22.88 -18.93 9.46
C ARG A 117 23.35 -17.49 9.31
N VAL A 118 24.57 -17.35 8.80
CA VAL A 118 25.10 -16.06 8.38
C VAL A 118 25.47 -16.05 6.90
N THR A 119 25.76 -17.21 6.31
CA THR A 119 25.93 -17.31 4.88
C THR A 119 24.55 -17.33 4.25
N ILE A 120 24.10 -16.15 3.82
CA ILE A 120 22.79 -16.03 3.20
C ILE A 120 22.81 -16.71 1.84
N MET A 121 21.70 -17.31 1.47
CA MET A 121 21.53 -18.06 0.23
C MET A 121 20.23 -17.61 -0.44
N PRO A 122 20.13 -17.76 -1.78
CA PRO A 122 19.00 -17.12 -2.50
C PRO A 122 17.61 -17.57 -2.09
N LYS A 123 17.48 -18.73 -1.43
CA LYS A 123 16.19 -19.10 -0.88
C LYS A 123 15.76 -18.14 0.22
N ASP A 124 16.71 -17.52 0.93
CA ASP A 124 16.37 -16.51 1.91
C ASP A 124 15.72 -15.30 1.26
N ILE A 125 16.32 -14.85 0.14
CA ILE A 125 15.77 -13.73 -0.63
C ILE A 125 14.40 -14.09 -1.20
N GLN A 126 14.26 -15.33 -1.68
CA GLN A 126 12.96 -15.75 -2.20
C GLN A 126 11.92 -15.83 -1.10
N LEU A 127 12.33 -16.25 0.10
CA LEU A 127 11.44 -16.24 1.25
C LEU A 127 10.99 -14.82 1.59
N ALA A 128 11.94 -13.88 1.58
CA ALA A 128 11.62 -12.49 1.89
C ALA A 128 10.68 -11.91 0.85
N ARG A 129 10.93 -12.21 -0.42
CA ARG A 129 10.06 -11.74 -1.50
C ARG A 129 8.66 -12.32 -1.38
N ARG A 130 8.56 -13.64 -1.15
CA ARG A 130 7.28 -14.30 -1.21
C ARG A 130 6.44 -14.03 0.02
N ILE A 131 7.08 -13.89 1.19
CA ILE A 131 6.37 -13.43 2.37
C ILE A 131 5.97 -11.97 2.20
N ARG A 132 6.84 -11.16 1.60
CA ARG A 132 6.45 -9.81 1.20
C ARG A 132 5.39 -9.83 0.12
N GLY A 133 5.32 -10.90 -0.67
CA GLY A 133 4.30 -11.02 -1.68
C GLY A 133 4.78 -10.87 -3.10
N GLU A 134 5.96 -11.41 -3.41
CA GLU A 134 6.50 -11.30 -4.75
C GLU A 134 6.55 -12.67 -5.44
N LYS B 21 25.47 0.61 -31.01
CA LYS B 21 24.74 1.39 -30.01
C LYS B 21 23.87 0.50 -29.14
N VAL B 22 23.59 -0.71 -29.63
CA VAL B 22 22.80 -1.67 -28.86
C VAL B 22 23.65 -2.20 -27.71
N LEU B 23 23.01 -2.50 -26.59
CA LEU B 23 23.68 -2.99 -25.39
C LEU B 23 23.14 -4.37 -25.05
N ARG B 24 24.00 -5.26 -24.61
CA ARG B 24 23.65 -6.68 -24.51
C ARG B 24 23.82 -7.25 -23.12
N ASP B 25 24.89 -6.91 -22.41
CA ASP B 25 25.27 -7.60 -21.19
C ASP B 25 25.66 -6.62 -20.08
N ASN B 26 24.85 -5.57 -19.90
CA ASN B 26 25.16 -4.59 -18.88
C ASN B 26 24.55 -4.92 -17.53
N ILE B 27 23.83 -6.03 -17.41
CA ILE B 27 23.46 -6.52 -16.09
C ILE B 27 24.71 -6.99 -15.34
N GLN B 28 25.70 -7.47 -16.07
CA GLN B 28 27.01 -7.70 -15.48
C GLN B 28 27.78 -6.42 -15.24
N GLY B 29 27.30 -5.29 -15.78
CA GLY B 29 27.85 -3.99 -15.42
C GLY B 29 27.62 -3.59 -13.98
N ILE B 30 26.62 -4.18 -13.33
CA ILE B 30 26.46 -4.05 -11.88
C ILE B 30 27.37 -5.12 -11.29
N THR B 31 28.54 -4.68 -10.82
CA THR B 31 29.61 -5.61 -10.57
C THR B 31 29.41 -6.41 -9.28
N LYS B 32 30.06 -7.57 -9.25
CA LYS B 32 30.15 -8.39 -8.05
C LYS B 32 30.62 -7.63 -6.80
N PRO B 33 31.71 -6.83 -6.83
CA PRO B 33 32.02 -6.04 -5.62
C PRO B 33 30.99 -4.98 -5.29
N ALA B 34 30.25 -4.47 -6.27
CA ALA B 34 29.16 -3.56 -5.98
C ALA B 34 28.05 -4.26 -5.21
N ILE B 35 27.79 -5.53 -5.56
CA ILE B 35 26.85 -6.35 -4.81
C ILE B 35 27.34 -6.55 -3.38
N ARG B 36 28.65 -6.81 -3.22
CA ARG B 36 29.22 -6.95 -1.88
C ARG B 36 29.07 -5.66 -1.09
N ARG B 37 29.33 -4.51 -1.73
CA ARG B 37 29.19 -3.22 -1.07
C ARG B 37 27.76 -2.98 -0.60
N LEU B 38 26.79 -3.29 -1.45
CA LEU B 38 25.39 -3.11 -1.09
C LEU B 38 25.00 -3.98 0.09
N ALA B 39 25.47 -5.23 0.10
CA ALA B 39 25.17 -6.10 1.22
C ALA B 39 25.88 -5.65 2.50
N ARG B 40 27.02 -4.97 2.36
CA ARG B 40 27.64 -4.36 3.53
C ARG B 40 26.79 -3.20 4.05
N ARG B 41 26.20 -2.42 3.14
CA ARG B 41 25.21 -1.44 3.56
C ARG B 41 23.96 -2.12 4.11
N GLY B 42 23.64 -3.30 3.59
CA GLY B 42 22.61 -4.09 4.21
C GLY B 42 23.03 -4.83 5.44
N GLY B 43 24.31 -4.78 5.80
CA GLY B 43 24.77 -5.44 6.99
C GLY B 43 24.95 -6.93 6.87
N VAL B 44 25.23 -7.42 5.67
CA VAL B 44 25.40 -8.85 5.45
C VAL B 44 26.87 -9.19 5.56
N LYS B 45 27.19 -10.14 6.44
CA LYS B 45 28.58 -10.52 6.65
C LYS B 45 29.07 -11.51 5.60
N ARG B 46 28.39 -12.64 5.43
CA ARG B 46 28.89 -13.71 4.57
C ARG B 46 27.89 -13.96 3.45
N ILE B 47 28.38 -14.00 2.22
CA ILE B 47 27.56 -13.99 1.03
C ILE B 47 27.92 -15.21 0.20
N SER B 48 26.94 -16.06 -0.10
CA SER B 48 27.21 -17.26 -0.88
C SER B 48 27.46 -16.93 -2.34
N GLY B 49 27.99 -17.92 -3.06
CA GLY B 49 28.26 -17.76 -4.49
C GLY B 49 27.03 -17.71 -5.34
N LEU B 50 25.93 -18.29 -4.89
CA LEU B 50 24.68 -18.29 -5.63
C LEU B 50 23.95 -16.96 -5.55
N ILE B 51 24.42 -16.05 -4.70
CA ILE B 51 23.68 -14.85 -4.37
C ILE B 51 23.61 -13.89 -5.54
N TYR B 52 24.75 -13.66 -6.21
CA TYR B 52 24.94 -12.49 -7.06
C TYR B 52 24.03 -12.51 -8.28
N GLU B 53 23.91 -13.66 -8.94
CA GLU B 53 23.05 -13.75 -10.11
C GLU B 53 21.58 -13.62 -9.74
N GLU B 54 21.20 -14.15 -8.57
CA GLU B 54 19.83 -14.00 -8.10
C GLU B 54 19.51 -12.55 -7.79
N THR B 55 20.47 -11.84 -7.17
CA THR B 55 20.30 -10.41 -6.93
C THR B 55 20.18 -9.65 -8.24
N ARG B 56 21.01 -10.02 -9.23
CA ARG B 56 20.93 -9.40 -10.54
C ARG B 56 19.56 -9.61 -11.17
N GLY B 57 19.02 -10.82 -11.07
CA GLY B 57 17.72 -11.11 -11.64
C GLY B 57 16.60 -10.35 -10.95
N VAL B 58 16.62 -10.30 -9.61
CA VAL B 58 15.51 -9.65 -8.92
C VAL B 58 15.59 -8.13 -9.08
N LEU B 59 16.80 -7.57 -9.13
CA LEU B 59 16.91 -6.14 -9.42
C LEU B 59 16.50 -5.87 -10.85
N LYS B 60 16.80 -6.80 -11.77
CA LYS B 60 16.34 -6.66 -13.13
C LYS B 60 14.83 -6.62 -13.21
N VAL B 61 14.16 -7.50 -12.47
CA VAL B 61 12.70 -7.53 -12.46
C VAL B 61 12.15 -6.23 -11.88
N PHE B 62 12.74 -5.77 -10.77
CA PHE B 62 12.29 -4.54 -10.12
C PHE B 62 12.47 -3.35 -11.05
N LEU B 63 13.63 -3.24 -11.68
CA LEU B 63 13.88 -2.16 -12.62
C LEU B 63 12.93 -2.25 -13.80
N GLU B 64 12.68 -3.46 -14.30
CA GLU B 64 11.77 -3.64 -15.44
C GLU B 64 10.38 -3.14 -15.11
N ASN B 65 9.89 -3.45 -13.91
CA ASN B 65 8.58 -2.97 -13.48
C ASN B 65 8.56 -1.45 -13.39
N VAL B 66 9.59 -0.88 -12.74
CA VAL B 66 9.61 0.57 -12.52
C VAL B 66 9.71 1.32 -13.84
N ILE B 67 10.60 0.89 -14.74
CA ILE B 67 10.76 1.66 -15.96
C ILE B 67 9.65 1.32 -16.93
N ARG B 68 8.98 0.17 -16.75
CA ARG B 68 7.77 -0.07 -17.53
C ARG B 68 6.72 0.97 -17.21
N ASP B 69 6.54 1.24 -15.92
CA ASP B 69 5.65 2.31 -15.50
C ASP B 69 6.14 3.65 -15.99
N ALA B 70 7.46 3.88 -15.94
CA ALA B 70 8.02 5.17 -16.33
C ALA B 70 7.90 5.41 -17.84
N VAL B 71 8.16 4.36 -18.63
CA VAL B 71 8.01 4.44 -20.07
C VAL B 71 6.55 4.65 -20.44
N THR B 72 5.64 3.99 -19.72
CA THR B 72 4.21 4.23 -19.91
C THR B 72 3.87 5.68 -19.62
N TYR B 73 4.45 6.24 -18.57
CA TYR B 73 4.27 7.66 -18.26
C TYR B 73 4.79 8.53 -19.38
N THR B 74 5.98 8.19 -19.90
CA THR B 74 6.66 9.04 -20.86
C THR B 74 5.94 9.04 -22.20
N GLU B 75 5.51 7.87 -22.66
CA GLU B 75 4.73 7.81 -23.90
C GLU B 75 3.36 8.43 -23.69
N HIS B 76 2.83 8.34 -22.47
CA HIS B 76 1.59 9.05 -22.18
C HIS B 76 1.83 10.55 -22.07
N ALA B 77 3.05 10.93 -21.70
CA ALA B 77 3.43 12.33 -21.72
C ALA B 77 3.88 12.81 -23.08
N LYS B 78 3.92 11.91 -24.09
CA LYS B 78 4.39 12.19 -25.45
C LYS B 78 5.83 12.70 -25.46
N ARG B 79 6.64 12.22 -24.53
CA ARG B 79 8.03 12.64 -24.43
C ARG B 79 8.95 11.50 -24.84
N LYS B 80 10.23 11.85 -25.03
CA LYS B 80 11.26 10.87 -25.36
C LYS B 80 12.30 10.75 -24.25
N THR B 81 12.46 11.79 -23.43
CA THR B 81 13.45 11.82 -22.37
C THR B 81 12.81 11.30 -21.09
N VAL B 82 13.45 10.30 -20.47
CA VAL B 82 12.97 9.80 -19.19
C VAL B 82 13.32 10.79 -18.09
N THR B 83 12.32 11.23 -17.34
CA THR B 83 12.51 12.20 -16.28
C THR B 83 12.41 11.53 -14.91
N ALA B 84 13.01 12.20 -13.92
CA ALA B 84 13.05 11.64 -12.57
C ALA B 84 11.70 11.70 -11.88
N MET B 85 10.83 12.62 -12.30
CA MET B 85 9.48 12.67 -11.74
C MET B 85 8.70 11.40 -12.10
N ASP B 86 8.91 10.89 -13.31
CA ASP B 86 8.31 9.63 -13.71
C ASP B 86 8.83 8.49 -12.87
N VAL B 87 10.14 8.52 -12.56
CA VAL B 87 10.72 7.56 -11.62
C VAL B 87 10.05 7.64 -10.27
N VAL B 88 9.80 8.86 -9.80
CA VAL B 88 9.16 9.07 -8.49
C VAL B 88 7.75 8.49 -8.48
N TYR B 89 6.98 8.76 -9.53
CA TYR B 89 5.60 8.27 -9.57
C TYR B 89 5.54 6.77 -9.71
N ALA B 90 6.47 6.20 -10.50
CA ALA B 90 6.54 4.75 -10.65
C ALA B 90 6.89 4.08 -9.33
N LEU B 91 7.80 4.68 -8.56
CA LEU B 91 8.14 4.13 -7.26
C LEU B 91 7.00 4.31 -6.27
N LYS B 92 6.23 5.38 -6.41
CA LYS B 92 5.04 5.57 -5.59
C LYS B 92 4.01 4.48 -5.84
N ARG B 93 3.82 4.12 -7.11
CA ARG B 93 2.80 3.12 -7.42
C ARG B 93 3.21 1.72 -6.99
N GLN B 94 4.49 1.48 -6.76
CA GLN B 94 4.96 0.22 -6.20
C GLN B 94 5.13 0.28 -4.70
N GLY B 95 4.73 1.38 -4.07
CA GLY B 95 4.89 1.52 -2.64
C GLY B 95 6.32 1.64 -2.18
N ARG B 96 7.16 2.30 -2.97
CA ARG B 96 8.57 2.50 -2.66
C ARG B 96 8.94 3.96 -2.83
N THR B 97 8.15 4.83 -2.20
CA THR B 97 8.25 6.27 -2.39
C THR B 97 9.61 6.82 -1.97
N LEU B 98 10.21 7.62 -2.84
CA LEU B 98 11.56 8.12 -2.69
C LEU B 98 11.54 9.61 -2.43
N TYR B 99 12.30 10.04 -1.43
CA TYR B 99 12.48 11.46 -1.16
C TYR B 99 13.81 11.91 -1.74
N GLY B 100 13.86 13.15 -2.21
CA GLY B 100 15.10 13.78 -2.61
C GLY B 100 15.34 13.95 -4.09
N PHE B 101 14.32 13.83 -4.93
CA PHE B 101 14.50 14.03 -6.36
C PHE B 101 13.39 14.89 -6.93
N GLY B 102 13.12 16.01 -6.29
CA GLY B 102 12.18 16.98 -6.82
C GLY B 102 10.72 16.62 -6.64
N GLY B 103 10.42 15.59 -5.85
CA GLY B 103 9.05 15.22 -5.59
C GLY B 103 8.32 16.23 -4.73
N ALA C 28 -40.09 16.66 -30.76
CA ALA C 28 -39.71 16.08 -32.04
C ALA C 28 -38.39 15.31 -31.92
N ARG C 29 -38.01 15.01 -30.68
CA ARG C 29 -36.78 14.28 -30.43
C ARG C 29 -36.94 12.83 -30.89
N ALA C 30 -35.84 12.26 -31.39
CA ALA C 30 -35.82 10.86 -31.76
C ALA C 30 -35.84 9.96 -30.52
N LYS C 31 -35.73 8.65 -30.77
CA LYS C 31 -35.72 7.66 -29.70
C LYS C 31 -34.52 7.86 -28.77
N ALA C 32 -34.80 7.89 -27.48
CA ALA C 32 -33.74 7.93 -26.47
C ALA C 32 -33.05 6.57 -26.43
N LYS C 33 -31.89 6.47 -27.05
CA LYS C 33 -31.15 5.23 -27.09
C LYS C 33 -30.19 5.22 -25.89
N THR C 34 -29.64 4.05 -25.56
CA THR C 34 -28.77 3.92 -24.40
C THR C 34 -27.33 3.81 -24.86
N ARG C 35 -26.44 4.47 -24.11
CA ARG C 35 -25.04 4.52 -24.52
C ARG C 35 -24.33 3.20 -24.32
N SER C 36 -24.81 2.37 -23.38
CA SER C 36 -24.27 1.02 -23.25
C SER C 36 -24.53 0.19 -24.50
N SER C 37 -25.75 0.28 -25.02
CA SER C 37 -26.05 -0.41 -26.27
C SER C 37 -25.42 0.29 -27.47
N ARG C 38 -25.16 1.59 -27.35
CA ARG C 38 -24.38 2.30 -28.37
C ARG C 38 -22.97 1.75 -28.45
N ALA C 39 -22.39 1.42 -27.30
CA ALA C 39 -21.15 0.67 -27.26
C ALA C 39 -21.38 -0.82 -27.44
N GLY C 40 -22.62 -1.25 -27.57
CA GLY C 40 -22.92 -2.66 -27.66
C GLY C 40 -22.68 -3.41 -26.37
N LEU C 41 -22.65 -2.71 -25.25
CA LEU C 41 -22.20 -3.25 -23.98
C LEU C 41 -23.31 -3.22 -22.96
N GLN C 42 -23.03 -3.86 -21.82
CA GLN C 42 -24.02 -4.04 -20.77
C GLN C 42 -23.86 -3.06 -19.61
N PHE C 43 -22.64 -2.61 -19.35
CA PHE C 43 -22.37 -1.78 -18.20
C PHE C 43 -22.90 -0.36 -18.42
N PRO C 44 -23.48 0.26 -17.39
CA PRO C 44 -24.10 1.59 -17.57
C PRO C 44 -23.06 2.66 -17.80
N VAL C 45 -23.02 3.19 -19.02
CA VAL C 45 -22.13 4.29 -19.36
C VAL C 45 -22.51 5.54 -18.59
N GLY C 46 -23.82 5.80 -18.50
CA GLY C 46 -24.29 6.99 -17.80
C GLY C 46 -23.94 6.99 -16.33
N ARG C 47 -24.07 5.83 -15.67
CA ARG C 47 -23.71 5.71 -14.26
C ARG C 47 -22.23 5.98 -14.03
N VAL C 48 -21.35 5.39 -14.86
CA VAL C 48 -19.92 5.56 -14.68
C VAL C 48 -19.51 7.01 -14.94
N HIS C 49 -20.07 7.62 -15.99
CA HIS C 49 -19.75 9.01 -16.29
C HIS C 49 -20.23 9.94 -15.18
N ARG C 50 -21.42 9.68 -14.64
CA ARG C 50 -21.93 10.50 -13.54
C ARG C 50 -21.10 10.32 -12.27
N LEU C 51 -20.67 9.08 -12.00
CA LEU C 51 -19.83 8.82 -10.83
C LEU C 51 -18.49 9.52 -10.95
N LEU C 52 -17.89 9.52 -12.14
CA LEU C 52 -16.63 10.23 -12.30
C LEU C 52 -16.82 11.74 -12.27
N ARG C 53 -17.99 12.24 -12.70
CA ARG C 53 -18.26 13.66 -12.51
C ARG C 53 -18.47 13.99 -11.04
N LYS C 54 -18.97 13.04 -10.26
CA LYS C 54 -19.18 13.24 -8.83
C LYS C 54 -18.09 12.62 -7.96
N GLY C 55 -17.08 11.99 -8.56
CA GLY C 55 -16.02 11.35 -7.79
C GLY C 55 -14.80 12.19 -7.50
N ASN C 56 -14.76 13.43 -7.99
CA ASN C 56 -13.64 14.36 -7.81
C ASN C 56 -12.33 13.77 -8.36
N TYR C 57 -12.28 13.58 -9.67
CA TYR C 57 -11.05 13.15 -10.32
C TYR C 57 -10.65 14.07 -11.46
N SER C 58 -11.62 14.57 -12.22
CA SER C 58 -11.46 15.68 -13.15
C SER C 58 -12.84 16.28 -13.38
N GLU C 59 -12.89 17.60 -13.53
CA GLU C 59 -14.18 18.26 -13.68
C GLU C 59 -14.78 17.97 -15.05
N ARG C 60 -13.95 17.84 -16.08
CA ARG C 60 -14.38 17.29 -17.36
C ARG C 60 -13.81 15.90 -17.51
N VAL C 61 -14.59 15.02 -18.12
CA VAL C 61 -14.17 13.66 -18.42
C VAL C 61 -14.25 13.49 -19.94
N GLY C 62 -13.19 12.95 -20.53
CA GLY C 62 -13.20 12.69 -21.96
C GLY C 62 -14.31 11.74 -22.34
N ALA C 63 -14.82 11.93 -23.57
CA ALA C 63 -16.04 11.25 -23.98
C ALA C 63 -15.84 9.74 -24.04
N GLY C 64 -14.71 9.30 -24.57
CA GLY C 64 -14.45 7.87 -24.63
C GLY C 64 -13.94 7.28 -23.34
N ALA C 65 -13.64 8.11 -22.34
CA ALA C 65 -13.11 7.59 -21.08
C ALA C 65 -14.09 6.69 -20.34
N PRO C 66 -15.37 7.05 -20.09
CA PRO C 66 -16.22 6.09 -19.38
C PRO C 66 -16.61 4.91 -20.23
N VAL C 67 -16.67 5.07 -21.55
CA VAL C 67 -16.96 3.95 -22.43
C VAL C 67 -15.83 2.94 -22.36
N TYR C 68 -14.59 3.43 -22.41
CA TYR C 68 -13.42 2.58 -22.29
C TYR C 68 -13.36 1.92 -20.91
N LEU C 69 -13.67 2.69 -19.87
CA LEU C 69 -13.68 2.16 -18.51
C LEU C 69 -14.72 1.08 -18.35
N ALA C 70 -15.93 1.29 -18.87
CA ALA C 70 -16.98 0.30 -18.75
C ALA C 70 -16.65 -0.92 -19.59
N ALA C 71 -15.99 -0.74 -20.72
CA ALA C 71 -15.55 -1.88 -21.52
C ALA C 71 -14.53 -2.71 -20.77
N VAL C 72 -13.59 -2.06 -20.10
CA VAL C 72 -12.60 -2.77 -19.29
C VAL C 72 -13.28 -3.50 -18.15
N LEU C 73 -14.21 -2.82 -17.47
CA LEU C 73 -14.91 -3.41 -16.34
C LEU C 73 -15.73 -4.61 -16.77
N GLU C 74 -16.42 -4.50 -17.90
CA GLU C 74 -17.20 -5.61 -18.41
C GLU C 74 -16.31 -6.76 -18.87
N TYR C 75 -15.15 -6.45 -19.43
CA TYR C 75 -14.24 -7.52 -19.86
C TYR C 75 -13.74 -8.32 -18.67
N LEU C 76 -13.27 -7.62 -17.63
CA LEU C 76 -12.84 -8.29 -16.42
C LEU C 76 -13.99 -9.04 -15.75
N THR C 77 -15.16 -8.42 -15.68
CA THR C 77 -16.31 -9.04 -15.04
C THR C 77 -16.75 -10.27 -15.82
N ALA C 78 -16.68 -10.21 -17.15
CA ALA C 78 -17.12 -11.31 -18.00
C ALA C 78 -16.16 -12.49 -17.86
N GLU C 79 -14.86 -12.23 -17.89
CA GLU C 79 -13.91 -13.34 -17.72
C GLU C 79 -14.00 -13.93 -16.31
N ILE C 80 -14.22 -13.09 -15.30
CA ILE C 80 -14.37 -13.63 -13.94
C ILE C 80 -15.63 -14.46 -13.81
N LEU C 81 -16.74 -14.01 -14.38
CA LEU C 81 -17.98 -14.77 -14.30
C LEU C 81 -17.89 -16.05 -15.10
N GLU C 82 -17.15 -16.03 -16.21
CA GLU C 82 -16.90 -17.27 -16.96
C GLU C 82 -16.11 -18.25 -16.13
N LEU C 83 -15.06 -17.78 -15.46
CA LEU C 83 -14.28 -18.66 -14.58
C LEU C 83 -15.12 -19.16 -13.41
N ALA C 84 -15.99 -18.31 -12.88
CA ALA C 84 -16.86 -18.70 -11.78
C ALA C 84 -17.85 -19.77 -12.20
N GLY C 85 -18.44 -19.62 -13.39
CA GLY C 85 -19.35 -20.63 -13.90
C GLY C 85 -18.65 -21.94 -14.19
N ASN C 86 -17.43 -21.87 -14.72
CA ASN C 86 -16.66 -23.09 -14.98
C ASN C 86 -16.26 -23.77 -13.69
N ALA C 87 -15.92 -23.00 -12.66
CA ALA C 87 -15.58 -23.60 -11.36
C ALA C 87 -16.82 -24.19 -10.69
N ALA C 88 -17.98 -23.55 -10.88
CA ALA C 88 -19.22 -24.11 -10.37
C ALA C 88 -19.56 -25.42 -11.06
N ARG C 89 -19.37 -25.46 -12.38
CA ARG C 89 -19.56 -26.70 -13.12
C ARG C 89 -18.55 -27.76 -12.70
N ASP C 90 -17.35 -27.33 -12.30
CA ASP C 90 -16.33 -28.27 -11.86
C ASP C 90 -16.73 -29.00 -10.60
N ASN C 91 -17.31 -28.30 -9.63
CA ASN C 91 -17.81 -28.93 -8.42
C ASN C 91 -19.29 -29.28 -8.52
N LYS C 92 -19.80 -29.44 -9.75
CA LYS C 92 -21.18 -29.84 -10.09
C LYS C 92 -22.25 -29.00 -9.37
N LYS C 93 -22.04 -27.69 -9.31
CA LYS C 93 -23.06 -26.76 -8.83
C LYS C 93 -23.46 -25.79 -9.95
N THR C 94 -24.72 -25.36 -9.91
CA THR C 94 -25.29 -24.50 -10.93
C THR C 94 -25.41 -23.04 -10.50
N ARG C 95 -24.86 -22.66 -9.34
CA ARG C 95 -25.05 -21.32 -8.81
C ARG C 95 -23.70 -20.74 -8.43
N ILE C 96 -23.53 -19.43 -8.65
CA ILE C 96 -22.26 -18.78 -8.34
C ILE C 96 -22.10 -18.64 -6.83
N ILE C 97 -20.97 -19.10 -6.32
CA ILE C 97 -20.70 -19.15 -4.89
C ILE C 97 -19.42 -18.35 -4.64
N PRO C 98 -19.30 -17.64 -3.51
CA PRO C 98 -18.02 -16.97 -3.20
C PRO C 98 -16.83 -17.90 -3.09
N ARG C 99 -17.04 -19.16 -2.70
CA ARG C 99 -15.98 -20.15 -2.76
C ARG C 99 -15.49 -20.34 -4.19
N HIS C 100 -16.42 -20.34 -5.15
CA HIS C 100 -16.05 -20.41 -6.56
C HIS C 100 -15.26 -19.17 -6.97
N LEU C 101 -15.63 -18.00 -6.44
CA LEU C 101 -14.91 -16.77 -6.74
C LEU C 101 -13.47 -16.83 -6.24
N GLN C 102 -13.28 -17.35 -5.02
CA GLN C 102 -11.94 -17.54 -4.47
C GLN C 102 -11.12 -18.50 -5.33
N LEU C 103 -11.71 -19.65 -5.65
CA LEU C 103 -10.99 -20.69 -6.36
C LEU C 103 -10.70 -20.28 -7.81
N ALA C 104 -11.47 -19.32 -8.34
CA ALA C 104 -11.22 -18.85 -9.69
C ALA C 104 -10.19 -17.73 -9.71
N ILE C 105 -10.45 -16.66 -8.95
CA ILE C 105 -9.61 -15.46 -9.03
C ILE C 105 -8.23 -15.74 -8.44
N ARG C 106 -8.18 -16.46 -7.31
CA ARG C 106 -6.89 -16.78 -6.71
C ARG C 106 -6.10 -17.79 -7.52
N ASN C 107 -6.73 -18.48 -8.47
CA ASN C 107 -6.00 -19.36 -9.36
C ASN C 107 -5.67 -18.72 -10.70
N ASP C 108 -6.03 -17.46 -10.92
CA ASP C 108 -5.52 -16.70 -12.06
C ASP C 108 -4.45 -15.74 -11.54
N GLU C 109 -3.21 -15.96 -11.96
CA GLU C 109 -2.08 -15.27 -11.36
C GLU C 109 -2.09 -13.77 -11.66
N GLU C 110 -2.58 -13.37 -12.83
CA GLU C 110 -2.66 -11.94 -13.10
C GLU C 110 -3.82 -11.30 -12.36
N LEU C 111 -4.94 -12.00 -12.26
CA LEU C 111 -5.98 -11.55 -11.33
C LEU C 111 -5.51 -11.65 -9.88
N ASN C 112 -4.61 -12.60 -9.59
CA ASN C 112 -4.11 -12.75 -8.23
C ASN C 112 -3.29 -11.53 -7.82
N LYS C 113 -2.31 -11.12 -8.62
CA LYS C 113 -1.51 -9.97 -8.22
C LYS C 113 -2.22 -8.67 -8.59
N LEU C 114 -3.30 -8.76 -9.36
CA LEU C 114 -4.21 -7.63 -9.46
C LEU C 114 -4.96 -7.42 -8.16
N LEU C 115 -5.28 -8.50 -7.45
CA LEU C 115 -6.11 -8.47 -6.26
C LEU C 115 -5.45 -9.17 -5.07
N GLY C 116 -4.16 -8.90 -4.85
CA GLY C 116 -3.43 -9.65 -3.83
C GLY C 116 -3.88 -9.35 -2.41
N ARG C 117 -4.19 -8.09 -2.11
CA ARG C 117 -4.51 -7.66 -0.76
C ARG C 117 -6.02 -7.56 -0.53
N VAL C 118 -6.81 -8.26 -1.31
CA VAL C 118 -8.27 -8.14 -1.28
C VAL C 118 -8.86 -9.40 -0.67
N THR C 119 -9.78 -9.20 0.28
CA THR C 119 -10.37 -10.30 1.03
C THR C 119 -11.78 -10.58 0.51
N ILE C 120 -12.08 -11.86 0.33
CA ILE C 120 -13.38 -12.32 -0.10
C ILE C 120 -14.12 -12.88 1.12
N ALA C 121 -15.32 -12.35 1.38
CA ALA C 121 -16.09 -12.82 2.52
C ALA C 121 -16.63 -14.22 2.28
N GLN C 122 -16.34 -15.12 3.23
CA GLN C 122 -16.70 -16.54 3.19
C GLN C 122 -16.17 -17.25 1.95
N GLY C 123 -15.04 -16.77 1.40
CA GLY C 123 -14.46 -17.42 0.25
C GLY C 123 -13.61 -18.62 0.59
N GLY C 124 -13.22 -18.75 1.86
CA GLY C 124 -12.29 -19.80 2.22
C GLY C 124 -10.89 -19.48 1.74
N VAL C 125 -10.08 -20.52 1.59
CA VAL C 125 -8.70 -20.39 1.13
C VAL C 125 -8.48 -21.35 -0.02
N LEU C 126 -7.41 -21.12 -0.77
CA LEU C 126 -6.98 -22.09 -1.76
C LEU C 126 -6.53 -23.37 -1.09
N PRO C 127 -6.82 -24.52 -1.66
CA PRO C 127 -6.22 -25.77 -1.17
C PRO C 127 -4.72 -25.75 -1.41
N ASN C 128 -3.96 -25.56 -0.34
CA ASN C 128 -2.52 -25.41 -0.45
C ASN C 128 -1.86 -26.18 0.67
N ILE C 129 -1.31 -27.34 0.34
CA ILE C 129 -0.48 -28.10 1.25
C ILE C 129 0.96 -27.99 0.75
N GLN C 130 1.88 -27.68 1.65
CA GLN C 130 3.28 -27.66 1.26
C GLN C 130 3.76 -29.09 1.08
N ALA C 131 4.64 -29.28 0.09
CA ALA C 131 5.13 -30.62 -0.21
C ALA C 131 5.94 -31.21 0.94
N VAL C 132 6.60 -30.35 1.72
CA VAL C 132 7.28 -30.80 2.92
C VAL C 132 6.31 -31.25 3.99
N LEU C 133 5.06 -30.77 3.97
CA LEU C 133 4.07 -31.21 4.93
C LEU C 133 3.46 -32.56 4.57
N LEU C 134 3.51 -32.95 3.30
CA LEU C 134 2.96 -34.23 2.90
C LEU C 134 3.92 -35.37 3.28
N PRO C 135 3.39 -36.51 3.70
CA PRO C 135 4.25 -37.60 4.14
C PRO C 135 4.91 -38.32 2.97
N LYS C 136 5.85 -39.20 3.32
CA LYS C 136 6.57 -40.00 2.34
C LYS C 136 5.63 -41.02 1.69
N LYS D 31 -42.04 2.69 0.73
CA LYS D 31 -40.79 2.20 0.18
C LYS D 31 -39.59 2.84 0.89
N ARG D 32 -38.40 2.59 0.34
CA ARG D 32 -37.17 3.17 0.83
C ARG D 32 -36.48 3.91 -0.30
N SER D 33 -35.34 4.51 0.02
CA SER D 33 -34.55 5.20 -1.00
C SER D 33 -33.91 4.18 -1.93
N ARG D 34 -33.95 4.47 -3.23
CA ARG D 34 -33.28 3.61 -4.20
C ARG D 34 -31.76 3.74 -4.03
N LYS D 35 -31.11 2.60 -3.86
CA LYS D 35 -29.65 2.54 -3.78
C LYS D 35 -29.17 1.89 -5.06
N GLU D 36 -28.21 2.52 -5.74
CA GLU D 36 -27.70 1.95 -6.98
C GLU D 36 -26.80 0.76 -6.69
N SER D 37 -26.98 -0.30 -7.47
CA SER D 37 -26.15 -1.48 -7.39
C SER D 37 -25.91 -1.98 -8.81
N TYR D 38 -25.03 -2.97 -8.91
CA TYR D 38 -24.69 -3.53 -10.21
C TYR D 38 -25.31 -4.89 -10.45
N SER D 39 -26.54 -5.11 -9.96
CA SER D 39 -27.17 -6.43 -10.07
C SER D 39 -27.46 -6.79 -11.53
N VAL D 40 -28.12 -5.89 -12.26
CA VAL D 40 -28.67 -6.29 -13.54
C VAL D 40 -27.58 -6.37 -14.61
N TYR D 41 -26.53 -5.55 -14.51
CA TYR D 41 -25.52 -5.54 -15.54
C TYR D 41 -24.62 -6.76 -15.43
N VAL D 42 -24.29 -7.12 -14.19
CA VAL D 42 -23.58 -8.37 -13.93
C VAL D 42 -24.43 -9.55 -14.35
N TYR D 43 -25.75 -9.47 -14.15
CA TYR D 43 -26.60 -10.58 -14.54
C TYR D 43 -26.71 -10.72 -16.06
N LYS D 44 -26.77 -9.59 -16.78
CA LYS D 44 -26.75 -9.61 -18.23
C LYS D 44 -25.46 -10.20 -18.76
N VAL D 45 -24.33 -9.78 -18.18
CA VAL D 45 -23.03 -10.28 -18.60
C VAL D 45 -22.89 -11.76 -18.27
N LEU D 46 -23.46 -12.18 -17.14
CA LEU D 46 -23.46 -13.59 -16.76
C LEU D 46 -24.24 -14.42 -17.75
N LYS D 47 -25.41 -13.95 -18.15
CA LYS D 47 -26.18 -14.65 -19.16
C LYS D 47 -25.51 -14.61 -20.53
N GLN D 48 -24.67 -13.60 -20.78
CA GLN D 48 -23.82 -13.65 -21.96
C GLN D 48 -22.80 -14.79 -21.86
N VAL D 49 -22.17 -14.96 -20.70
CA VAL D 49 -21.10 -15.94 -20.61
C VAL D 49 -21.62 -17.31 -20.15
N HIS D 50 -22.71 -17.33 -19.40
CA HIS D 50 -23.25 -18.57 -18.86
C HIS D 50 -24.76 -18.40 -18.76
N PRO D 51 -25.51 -18.74 -19.81
CA PRO D 51 -26.98 -18.62 -19.74
C PRO D 51 -27.63 -19.54 -18.72
N ASP D 52 -26.96 -20.64 -18.36
CA ASP D 52 -27.58 -21.73 -17.64
C ASP D 52 -27.52 -21.60 -16.12
N THR D 53 -26.67 -20.74 -15.58
CA THR D 53 -26.34 -20.81 -14.16
C THR D 53 -27.08 -19.75 -13.34
N GLY D 54 -27.09 -19.95 -12.03
CA GLY D 54 -27.56 -18.99 -11.08
C GLY D 54 -26.43 -18.32 -10.32
N ILE D 55 -26.80 -17.48 -9.37
CA ILE D 55 -25.84 -16.68 -8.61
C ILE D 55 -26.36 -16.46 -7.21
N SER D 56 -25.47 -16.52 -6.22
CA SER D 56 -25.83 -16.19 -4.85
C SER D 56 -25.73 -14.68 -4.61
N SER D 57 -26.55 -14.20 -3.68
CA SER D 57 -26.55 -12.77 -3.37
C SER D 57 -25.27 -12.34 -2.65
N LYS D 58 -24.66 -13.25 -1.89
CA LYS D 58 -23.40 -12.94 -1.23
C LYS D 58 -22.30 -12.73 -2.26
N ALA D 59 -22.21 -13.63 -3.24
CA ALA D 59 -21.30 -13.45 -4.36
C ALA D 59 -21.65 -12.20 -5.16
N MET D 60 -22.95 -11.89 -5.24
CA MET D 60 -23.38 -10.69 -5.95
C MET D 60 -22.87 -9.42 -5.28
N GLY D 61 -22.96 -9.35 -3.95
CA GLY D 61 -22.38 -8.24 -3.25
C GLY D 61 -20.87 -8.17 -3.40
N ILE D 62 -20.24 -9.35 -3.48
CA ILE D 62 -18.79 -9.38 -3.70
C ILE D 62 -18.43 -8.77 -5.06
N MET D 63 -19.18 -9.09 -6.11
CA MET D 63 -18.88 -8.46 -7.40
C MET D 63 -19.26 -6.99 -7.43
N ASN D 64 -20.26 -6.59 -6.64
CA ASN D 64 -20.52 -5.15 -6.50
C ASN D 64 -19.32 -4.45 -5.87
N SER D 65 -18.77 -5.05 -4.81
CA SER D 65 -17.56 -4.51 -4.18
C SER D 65 -16.39 -4.51 -5.15
N PHE D 66 -16.29 -5.56 -5.97
CA PHE D 66 -15.24 -5.66 -6.97
C PHE D 66 -15.31 -4.53 -7.99
N VAL D 67 -16.48 -4.34 -8.59
CA VAL D 67 -16.60 -3.32 -9.62
C VAL D 67 -16.42 -1.93 -9.03
N ASN D 68 -16.91 -1.71 -7.80
CA ASN D 68 -16.69 -0.42 -7.16
C ASN D 68 -15.22 -0.20 -6.83
N ASP D 69 -14.54 -1.25 -6.36
CA ASP D 69 -13.14 -1.13 -5.95
C ASP D 69 -12.22 -0.89 -7.14
N ILE D 70 -12.40 -1.66 -8.21
CA ILE D 70 -11.57 -1.48 -9.39
C ILE D 70 -11.91 -0.16 -10.08
N PHE D 71 -13.18 0.25 -10.07
CA PHE D 71 -13.56 1.57 -10.55
C PHE D 71 -12.84 2.66 -9.77
N GLU D 72 -12.74 2.49 -8.45
CA GLU D 72 -12.04 3.47 -7.63
C GLU D 72 -10.55 3.49 -7.91
N ARG D 73 -9.95 2.31 -8.09
CA ARG D 73 -8.52 2.23 -8.40
C ARG D 73 -8.20 2.93 -9.70
N ILE D 74 -8.95 2.62 -10.75
CA ILE D 74 -8.71 3.21 -12.06
C ILE D 74 -9.01 4.70 -12.05
N ALA D 75 -10.06 5.11 -11.32
CA ALA D 75 -10.42 6.51 -11.24
C ALA D 75 -9.34 7.33 -10.52
N GLY D 76 -8.83 6.80 -9.41
CA GLY D 76 -7.76 7.50 -8.70
C GLY D 76 -6.48 7.55 -9.51
N GLU D 77 -6.17 6.46 -10.23
CA GLU D 77 -4.97 6.44 -11.05
C GLU D 77 -5.08 7.43 -12.19
N ALA D 78 -6.25 7.52 -12.83
CA ALA D 78 -6.47 8.48 -13.89
C ALA D 78 -6.37 9.91 -13.37
N SER D 79 -6.87 10.15 -12.15
CA SER D 79 -6.71 11.45 -11.54
C SER D 79 -5.23 11.77 -11.29
N ARG D 80 -4.46 10.76 -10.86
CA ARG D 80 -3.02 10.95 -10.65
C ARG D 80 -2.32 11.34 -11.95
N LEU D 81 -2.63 10.64 -13.04
CA LEU D 81 -1.96 10.91 -14.30
C LEU D 81 -2.42 12.22 -14.91
N ALA D 82 -3.70 12.58 -14.73
CA ALA D 82 -4.16 13.89 -15.18
C ALA D 82 -3.48 15.00 -14.40
N HIS D 83 -3.18 14.74 -13.12
CA HIS D 83 -2.36 15.67 -12.35
C HIS D 83 -0.95 15.75 -12.90
N TYR D 84 -0.37 14.61 -13.27
CA TYR D 84 1.04 14.60 -13.67
C TYR D 84 1.23 15.28 -15.02
N ASN D 85 0.27 15.12 -15.91
CA ASN D 85 0.30 15.76 -17.22
C ASN D 85 -0.39 17.11 -17.20
N LYS D 86 -0.86 17.54 -16.03
CA LYS D 86 -1.54 18.82 -15.82
C LYS D 86 -2.76 18.92 -16.73
N ARG D 87 -3.49 17.83 -16.84
CA ARG D 87 -4.65 17.74 -17.70
C ARG D 87 -5.92 17.91 -16.87
N SER D 88 -6.73 18.88 -17.26
CA SER D 88 -8.00 19.14 -16.60
C SER D 88 -9.09 18.14 -16.97
N THR D 89 -8.84 17.28 -17.96
CA THR D 89 -9.81 16.33 -18.45
C THR D 89 -9.17 14.95 -18.56
N ILE D 90 -9.85 13.95 -18.02
CA ILE D 90 -9.39 12.56 -18.13
C ILE D 90 -10.08 11.94 -19.34
N THR D 91 -9.28 11.52 -20.31
CA THR D 91 -9.78 10.91 -21.53
C THR D 91 -9.48 9.42 -21.53
N SER D 92 -9.93 8.74 -22.60
CA SER D 92 -9.67 7.32 -22.73
C SER D 92 -8.20 7.02 -22.94
N ARG D 93 -7.43 8.01 -23.39
CA ARG D 93 -5.98 7.90 -23.36
C ARG D 93 -5.47 7.72 -21.94
N GLU D 94 -5.97 8.54 -21.01
CA GLU D 94 -5.58 8.44 -19.62
C GLU D 94 -6.03 7.12 -19.01
N ILE D 95 -7.27 6.71 -19.34
CA ILE D 95 -7.80 5.46 -18.81
C ILE D 95 -7.00 4.29 -19.35
N GLN D 96 -6.62 4.34 -20.63
CA GLN D 96 -5.81 3.30 -21.22
C GLN D 96 -4.43 3.24 -20.58
N THR D 97 -3.86 4.40 -20.27
CA THR D 97 -2.60 4.44 -19.55
C THR D 97 -2.74 3.79 -18.18
N ALA D 98 -3.83 4.09 -17.47
CA ALA D 98 -4.05 3.50 -16.16
C ALA D 98 -4.26 2.00 -16.24
N VAL D 99 -4.94 1.54 -17.29
CA VAL D 99 -5.11 0.11 -17.52
C VAL D 99 -3.76 -0.54 -17.75
N ARG D 100 -2.93 0.06 -18.59
CA ARG D 100 -1.60 -0.49 -18.88
C ARG D 100 -0.73 -0.48 -17.63
N LEU D 101 -0.99 0.45 -16.71
CA LEU D 101 -0.30 0.42 -15.43
C LEU D 101 -0.80 -0.73 -14.57
N LEU D 102 -2.10 -0.75 -14.26
CA LEU D 102 -2.61 -1.67 -13.25
C LEU D 102 -2.76 -3.09 -13.78
N LEU D 103 -3.34 -3.21 -14.95
CA LEU D 103 -3.68 -4.54 -15.44
C LEU D 103 -2.43 -5.27 -15.92
N PRO D 104 -2.29 -6.55 -15.60
CA PRO D 104 -1.08 -7.28 -15.99
C PRO D 104 -1.19 -7.90 -17.37
N GLY D 105 -0.22 -7.56 -18.21
CA GLY D 105 0.05 -8.26 -19.47
C GLY D 105 -1.09 -8.45 -20.44
N GLU D 106 -1.49 -9.71 -20.62
CA GLU D 106 -2.55 -10.04 -21.56
C GLU D 106 -3.89 -9.48 -21.11
N LEU D 107 -4.12 -9.37 -19.80
CA LEU D 107 -5.32 -8.69 -19.32
C LEU D 107 -5.33 -7.24 -19.79
N ALA D 108 -4.18 -6.59 -19.72
CA ALA D 108 -4.08 -5.20 -20.16
C ALA D 108 -4.30 -5.07 -21.67
N LYS D 109 -3.68 -5.95 -22.47
CA LYS D 109 -3.77 -5.76 -23.91
C LYS D 109 -5.13 -6.19 -24.45
N HIS D 110 -5.76 -7.22 -23.88
CA HIS D 110 -7.10 -7.55 -24.32
C HIS D 110 -8.12 -6.55 -23.80
N ALA D 111 -7.84 -5.92 -22.65
CA ALA D 111 -8.67 -4.80 -22.22
C ALA D 111 -8.53 -3.63 -23.19
N VAL D 112 -7.31 -3.40 -23.68
CA VAL D 112 -7.08 -2.38 -24.70
C VAL D 112 -7.88 -2.70 -25.95
N SER D 113 -7.85 -3.97 -26.37
CA SER D 113 -8.57 -4.39 -27.56
C SER D 113 -10.07 -4.22 -27.39
N GLU D 114 -10.60 -4.64 -26.23
CA GLU D 114 -12.03 -4.55 -25.98
C GLU D 114 -12.49 -3.11 -25.92
N GLY D 115 -11.75 -2.28 -25.18
CA GLY D 115 -12.12 -0.87 -25.09
C GLY D 115 -11.96 -0.15 -26.41
N THR D 116 -10.96 -0.54 -27.20
CA THR D 116 -10.78 0.06 -28.52
C THR D 116 -11.92 -0.30 -29.45
N LYS D 117 -12.34 -1.58 -29.44
CA LYS D 117 -13.47 -1.99 -30.24
C LYS D 117 -14.74 -1.28 -29.80
N ALA D 118 -14.92 -1.15 -28.48
CA ALA D 118 -16.10 -0.48 -27.95
C ALA D 118 -16.11 1.00 -28.30
N VAL D 119 -14.95 1.66 -28.24
CA VAL D 119 -14.93 3.10 -28.51
C VAL D 119 -15.03 3.36 -30.00
N THR D 120 -14.63 2.39 -30.83
CA THR D 120 -14.87 2.54 -32.26
C THR D 120 -16.35 2.35 -32.58
N LYS D 121 -17.01 1.40 -31.90
CA LYS D 121 -18.44 1.22 -32.13
C LYS D 121 -19.24 2.42 -31.64
N TYR D 122 -18.87 2.95 -30.47
CA TYR D 122 -19.57 4.12 -29.95
C TYR D 122 -19.25 5.37 -30.75
N THR D 123 -18.01 5.46 -31.25
CA THR D 123 -17.65 6.55 -32.15
C THR D 123 -18.44 6.45 -33.45
N SER D 124 -18.65 5.24 -33.93
CA SER D 124 -19.55 4.99 -35.06
C SER D 124 -21.00 4.82 -34.63
N ALA D 125 -21.31 5.16 -33.38
CA ALA D 125 -22.66 5.09 -32.79
C ALA D 125 -23.29 3.70 -32.90
N LYS E 38 -8.95 -53.03 20.70
CA LYS E 38 -8.22 -51.78 20.83
C LYS E 38 -8.95 -50.66 20.10
N PRO E 39 -9.27 -49.58 20.82
CA PRO E 39 -9.91 -48.42 20.19
C PRO E 39 -8.98 -47.77 19.18
N HIS E 40 -9.58 -47.17 18.15
CA HIS E 40 -8.80 -46.64 17.05
C HIS E 40 -8.20 -45.29 17.42
N ARG E 41 -6.97 -45.06 16.95
CA ARG E 41 -6.21 -43.85 17.27
C ARG E 41 -5.32 -43.54 16.08
N TYR E 42 -5.25 -42.27 15.70
CA TYR E 42 -4.47 -41.87 14.53
C TYR E 42 -3.08 -41.41 14.94
N ARG E 43 -2.12 -41.54 14.01
CA ARG E 43 -0.78 -41.04 14.26
C ARG E 43 -0.75 -39.52 14.22
N PRO E 44 0.20 -38.88 14.90
CA PRO E 44 0.21 -37.40 14.97
C PRO E 44 0.39 -36.76 13.61
N GLY E 45 -0.31 -35.65 13.40
CA GLY E 45 -0.35 -34.96 12.14
C GLY E 45 -1.48 -35.40 11.24
N THR E 46 -1.95 -36.64 11.37
CA THR E 46 -2.98 -37.15 10.46
C THR E 46 -4.30 -36.41 10.65
N VAL E 47 -4.75 -36.28 11.89
CA VAL E 47 -5.94 -35.47 12.15
C VAL E 47 -5.64 -34.00 11.91
N ALA E 48 -4.40 -33.59 12.18
CA ALA E 48 -3.99 -32.23 11.83
C ALA E 48 -4.09 -32.02 10.32
N LEU E 49 -3.64 -32.99 9.53
CA LEU E 49 -3.71 -32.85 8.09
C LEU E 49 -5.14 -32.94 7.59
N ARG E 50 -5.96 -33.80 8.20
CA ARG E 50 -7.35 -33.89 7.82
C ARG E 50 -8.09 -32.60 8.11
N GLU E 51 -7.82 -32.00 9.27
CA GLU E 51 -8.36 -30.70 9.57
C GLU E 51 -7.87 -29.67 8.58
N ILE E 52 -6.58 -29.74 8.21
CA ILE E 52 -6.02 -28.82 7.22
C ILE E 52 -6.79 -28.91 5.92
N ARG E 53 -6.99 -30.14 5.43
CA ARG E 53 -7.73 -30.35 4.19
C ARG E 53 -9.17 -29.88 4.31
N ARG E 54 -9.81 -30.14 5.46
CA ARG E 54 -11.23 -29.85 5.58
C ARG E 54 -11.48 -28.35 5.66
N TYR E 55 -10.69 -27.64 6.46
CA TYR E 55 -10.91 -26.20 6.49
C TYR E 55 -10.25 -25.45 5.33
N GLN E 56 -9.33 -26.07 4.60
CA GLN E 56 -9.03 -25.51 3.29
C GLN E 56 -10.17 -25.73 2.32
N LYS E 57 -10.85 -26.87 2.41
CA LYS E 57 -12.06 -27.08 1.63
C LYS E 57 -13.20 -26.22 2.16
N SER E 58 -13.43 -26.22 3.47
CA SER E 58 -14.57 -25.49 4.00
C SER E 58 -14.26 -24.00 4.07
N THR E 59 -15.32 -23.20 4.15
CA THR E 59 -15.18 -21.75 4.11
C THR E 59 -15.72 -21.04 5.35
N GLU E 60 -16.27 -21.77 6.32
CA GLU E 60 -16.97 -21.15 7.44
C GLU E 60 -16.01 -20.53 8.45
N LEU E 61 -16.56 -19.70 9.33
CA LEU E 61 -15.81 -19.14 10.45
C LEU E 61 -15.48 -20.22 11.46
N LEU E 62 -14.26 -20.15 12.00
CA LEU E 62 -13.79 -21.13 12.96
C LEU E 62 -13.83 -20.65 14.39
N ILE E 63 -14.20 -19.40 14.62
CA ILE E 63 -14.30 -18.84 15.96
C ILE E 63 -15.77 -18.64 16.29
N ARG E 64 -16.14 -18.88 17.56
CA ARG E 64 -17.48 -18.58 18.04
C ARG E 64 -17.78 -17.09 17.90
N LYS E 65 -18.97 -16.77 17.39
CA LYS E 65 -19.26 -15.39 17.01
C LYS E 65 -19.55 -14.52 18.23
N LEU E 66 -20.17 -15.08 19.27
CA LEU E 66 -20.63 -14.29 20.40
C LEU E 66 -19.50 -13.87 21.35
N PRO E 67 -18.53 -14.72 21.73
CA PRO E 67 -17.36 -14.19 22.45
C PRO E 67 -16.58 -13.18 21.66
N PHE E 68 -16.51 -13.37 20.33
CA PHE E 68 -15.91 -12.38 19.46
C PHE E 68 -16.65 -11.05 19.55
N GLN E 69 -17.98 -11.11 19.57
CA GLN E 69 -18.79 -9.91 19.70
C GLN E 69 -18.56 -9.22 21.02
N ARG E 70 -18.47 -9.99 22.11
CA ARG E 70 -18.20 -9.41 23.42
C ARG E 70 -16.81 -8.78 23.49
N LEU E 71 -15.82 -9.42 22.84
CA LEU E 71 -14.49 -8.84 22.74
C LEU E 71 -14.51 -7.53 21.97
N VAL E 72 -15.26 -7.49 20.87
CA VAL E 72 -15.42 -6.26 20.10
C VAL E 72 -16.00 -5.16 20.97
N ARG E 73 -17.02 -5.48 21.76
CA ARG E 73 -17.65 -4.45 22.59
C ARG E 73 -16.74 -4.01 23.73
N GLU E 74 -15.99 -4.93 24.33
CA GLU E 74 -15.15 -4.54 25.47
C GLU E 74 -13.95 -3.73 25.00
N ILE E 75 -13.51 -3.93 23.76
CA ILE E 75 -12.44 -3.08 23.25
C ILE E 75 -13.02 -1.79 22.70
N ALA E 76 -14.31 -1.81 22.33
CA ALA E 76 -14.98 -0.57 21.95
C ALA E 76 -15.08 0.37 23.13
N GLN E 77 -15.53 -0.13 24.29
CA GLN E 77 -15.61 0.71 25.48
C GLN E 77 -14.24 1.13 26.00
N ASP E 78 -13.17 0.45 25.56
CA ASP E 78 -11.82 0.94 25.79
C ASP E 78 -11.52 2.20 25.01
N PHE E 79 -12.25 2.46 23.92
CA PHE E 79 -12.13 3.70 23.18
C PHE E 79 -13.33 4.61 23.39
N LYS E 80 -14.53 4.06 23.32
CA LYS E 80 -15.75 4.83 23.58
C LYS E 80 -16.78 3.91 24.22
N THR E 81 -17.25 4.29 25.40
CA THR E 81 -18.19 3.45 26.12
C THR E 81 -19.57 3.47 25.47
N ASP E 82 -20.32 2.40 25.73
CA ASP E 82 -21.72 2.24 25.35
C ASP E 82 -21.93 2.31 23.83
N LEU E 83 -20.98 1.79 23.06
CA LEU E 83 -21.17 1.69 21.62
C LEU E 83 -22.07 0.52 21.27
N ARG E 84 -22.80 0.67 20.17
CA ARG E 84 -23.63 -0.40 19.65
C ARG E 84 -23.07 -0.85 18.31
N PHE E 85 -23.24 -2.13 18.01
CA PHE E 85 -22.63 -2.73 16.84
C PHE E 85 -23.69 -3.45 16.02
N GLN E 86 -23.74 -3.14 14.73
CA GLN E 86 -24.50 -3.95 13.79
C GLN E 86 -23.87 -5.33 13.73
N SER E 87 -24.72 -6.36 13.64
CA SER E 87 -24.22 -7.73 13.58
C SER E 87 -23.38 -7.94 12.34
N SER E 88 -23.78 -7.31 11.23
CA SER E 88 -23.00 -7.36 10.00
C SER E 88 -21.60 -6.76 10.21
N ALA E 89 -21.49 -5.71 11.02
CA ALA E 89 -20.18 -5.17 11.35
C ALA E 89 -19.36 -6.17 12.15
N VAL E 90 -20.03 -6.92 13.05
CA VAL E 90 -19.33 -7.92 13.86
C VAL E 90 -18.77 -9.02 12.99
N MET E 91 -19.60 -9.57 12.09
CA MET E 91 -19.08 -10.62 11.22
C MET E 91 -18.10 -10.08 10.18
N ALA E 92 -18.27 -8.83 9.75
CA ALA E 92 -17.31 -8.26 8.80
C ALA E 92 -15.94 -8.12 9.42
N LEU E 93 -15.90 -7.58 10.65
CA LEU E 93 -14.68 -7.59 11.46
C LEU E 93 -14.18 -9.00 11.66
N GLN E 94 -15.09 -9.98 11.75
CA GLN E 94 -14.65 -11.35 11.93
C GLN E 94 -13.90 -11.85 10.71
N GLU E 95 -14.55 -11.93 9.54
CA GLU E 95 -13.89 -12.49 8.35
C GLU E 95 -12.63 -11.71 7.99
N ALA E 96 -12.60 -10.41 8.27
CA ALA E 96 -11.35 -9.67 8.19
C ALA E 96 -10.30 -10.22 9.15
N SER E 97 -10.71 -10.53 10.39
CA SER E 97 -9.77 -11.01 11.39
C SER E 97 -9.19 -12.36 11.00
N GLU E 98 -10.04 -13.34 10.65
CA GLU E 98 -9.49 -14.64 10.29
C GLU E 98 -8.70 -14.59 8.98
N ALA E 99 -9.05 -13.70 8.04
CA ALA E 99 -8.24 -13.59 6.83
C ALA E 99 -6.85 -13.04 7.13
N TYR E 100 -6.79 -12.00 7.97
CA TYR E 100 -5.50 -11.47 8.42
C TYR E 100 -4.70 -12.55 9.12
N LEU E 101 -5.36 -13.31 10.00
CA LEU E 101 -4.69 -14.37 10.75
C LEU E 101 -4.13 -15.44 9.82
N VAL E 102 -4.93 -15.93 8.87
CA VAL E 102 -4.48 -16.99 7.97
C VAL E 102 -3.34 -16.50 7.08
N GLY E 103 -3.37 -15.22 6.68
CA GLY E 103 -2.22 -14.67 5.98
C GLY E 103 -0.96 -14.70 6.81
N LEU E 104 -1.06 -14.32 8.09
CA LEU E 104 0.09 -14.41 8.98
C LEU E 104 0.55 -15.85 9.16
N PHE E 105 -0.38 -16.80 9.23
CA PHE E 105 0.05 -18.19 9.46
C PHE E 105 0.65 -18.81 8.20
N GLU E 106 0.19 -18.41 7.01
CA GLU E 106 0.87 -18.85 5.80
C GLU E 106 2.31 -18.34 5.78
N ASP E 107 2.50 -17.07 6.15
CA ASP E 107 3.86 -16.55 6.28
C ASP E 107 4.63 -17.29 7.38
N THR E 108 3.94 -17.70 8.43
CA THR E 108 4.56 -18.44 9.52
C THR E 108 5.06 -19.79 9.05
N ASN E 109 4.24 -20.50 8.27
CA ASN E 109 4.67 -21.78 7.70
C ASN E 109 5.84 -21.59 6.74
N LEU E 110 5.81 -20.51 5.97
CA LEU E 110 6.93 -20.21 5.07
C LEU E 110 8.22 -20.03 5.85
N ALA E 111 8.16 -19.27 6.95
CA ALA E 111 9.35 -19.11 7.80
C ALA E 111 9.77 -20.42 8.44
N ALA E 112 8.80 -21.23 8.88
CA ALA E 112 9.11 -22.45 9.60
C ALA E 112 9.74 -23.50 8.69
N ILE E 113 9.26 -23.61 7.45
CA ILE E 113 9.92 -24.50 6.52
C ILE E 113 11.24 -23.88 6.11
N HIS E 114 11.33 -22.55 6.15
CA HIS E 114 12.61 -21.90 5.95
C HIS E 114 13.49 -22.07 7.18
N ALA E 115 12.88 -22.22 8.35
CA ALA E 115 13.60 -22.65 9.54
C ALA E 115 13.73 -24.16 9.61
N LYS E 116 13.45 -24.85 8.51
CA LYS E 116 13.58 -26.30 8.37
C LYS E 116 12.71 -27.08 9.35
N ARG E 117 11.60 -26.49 9.79
CA ARG E 117 10.82 -27.07 10.87
C ARG E 117 9.42 -27.44 10.44
N VAL E 118 8.79 -28.31 11.23
CA VAL E 118 7.37 -28.58 11.09
C VAL E 118 6.54 -27.98 12.21
N THR E 119 7.12 -27.70 13.36
CA THR E 119 6.42 -27.01 14.43
C THR E 119 6.82 -25.54 14.42
N ILE E 120 5.83 -24.67 14.43
CA ILE E 120 6.07 -23.24 14.48
C ILE E 120 6.28 -22.80 15.92
N MET E 121 7.12 -21.78 16.10
CA MET E 121 7.33 -21.09 17.36
C MET E 121 7.06 -19.61 17.12
N PRO E 122 6.73 -18.85 18.18
CA PRO E 122 6.31 -17.45 17.98
C PRO E 122 7.30 -16.55 17.27
N LYS E 123 8.60 -16.86 17.34
CA LYS E 123 9.61 -16.06 16.66
C LYS E 123 9.42 -16.07 15.15
N ASP E 124 8.80 -17.14 14.60
CA ASP E 124 8.40 -17.15 13.21
C ASP E 124 7.40 -16.03 12.92
N ILE E 125 6.40 -15.88 13.80
CA ILE E 125 5.37 -14.87 13.61
C ILE E 125 5.94 -13.47 13.79
N GLN E 126 6.82 -13.30 14.79
CA GLN E 126 7.45 -12.01 15.00
C GLN E 126 8.33 -11.64 13.80
N LEU E 127 9.05 -12.62 13.26
CA LEU E 127 9.83 -12.41 12.05
C LEU E 127 8.96 -11.98 10.90
N ALA E 128 7.86 -12.69 10.67
CA ALA E 128 6.98 -12.39 9.54
C ALA E 128 6.34 -11.02 9.71
N ARG E 129 6.00 -10.67 10.95
CA ARG E 129 5.45 -9.35 11.25
C ARG E 129 6.46 -8.26 10.95
N ARG E 130 7.74 -8.51 11.21
CA ARG E 130 8.76 -7.54 10.81
C ARG E 130 8.93 -7.50 9.29
N ILE E 131 8.81 -8.65 8.63
CA ILE E 131 8.97 -8.70 7.17
C ILE E 131 7.87 -7.91 6.49
N ARG E 132 6.63 -8.01 6.99
CA ARG E 132 5.54 -7.24 6.41
C ARG E 132 5.65 -5.74 6.69
N GLY E 133 6.60 -5.33 7.53
CA GLY E 133 6.79 -3.93 7.81
C GLY E 133 5.94 -3.43 8.94
N GLU E 134 5.80 -4.19 10.02
CA GLU E 134 4.86 -3.85 11.07
C GLU E 134 5.54 -3.63 12.40
N LYS F 21 -21.59 -4.08 34.01
CA LYS F 21 -21.65 -3.23 32.82
C LYS F 21 -20.44 -3.46 31.93
N VAL F 22 -19.25 -3.28 32.50
CA VAL F 22 -18.02 -3.44 31.73
C VAL F 22 -17.63 -4.92 31.67
N LEU F 23 -16.78 -5.25 30.70
CA LEU F 23 -16.25 -6.60 30.55
C LEU F 23 -14.74 -6.54 30.67
N ARG F 24 -14.16 -7.57 31.27
CA ARG F 24 -12.72 -7.52 31.53
C ARG F 24 -11.92 -8.50 30.69
N ASP F 25 -12.48 -9.67 30.36
CA ASP F 25 -11.72 -10.69 29.64
C ASP F 25 -12.63 -11.41 28.65
N ASN F 26 -12.57 -10.99 27.38
CA ASN F 26 -13.16 -11.73 26.28
C ASN F 26 -12.16 -12.03 25.18
N ILE F 27 -10.91 -11.60 25.33
CA ILE F 27 -9.84 -12.05 24.45
C ILE F 27 -9.59 -13.55 24.64
N GLN F 28 -9.90 -14.07 25.82
CA GLN F 28 -10.02 -15.50 26.04
C GLN F 28 -11.09 -16.16 25.19
N GLY F 29 -12.11 -15.40 24.77
CA GLY F 29 -13.18 -15.95 23.97
C GLY F 29 -12.78 -16.35 22.57
N ILE F 30 -11.65 -15.82 22.08
CA ILE F 30 -11.01 -16.35 20.88
C ILE F 30 -10.25 -17.57 21.36
N THR F 31 -10.92 -18.72 21.35
CA THR F 31 -10.44 -19.87 22.09
C THR F 31 -9.28 -20.55 21.38
N LYS F 32 -8.54 -21.34 22.17
CA LYS F 32 -7.40 -22.10 21.67
C LYS F 32 -7.74 -23.09 20.55
N PRO F 33 -8.82 -23.90 20.62
CA PRO F 33 -9.15 -24.72 19.43
C PRO F 33 -9.55 -23.91 18.22
N ALA F 34 -10.11 -22.71 18.39
CA ALA F 34 -10.39 -21.86 17.24
C ALA F 34 -9.11 -21.43 16.56
N ILE F 35 -8.10 -21.07 17.36
CA ILE F 35 -6.77 -20.76 16.84
C ILE F 35 -6.18 -21.98 16.14
N ARG F 36 -6.41 -23.17 16.72
CA ARG F 36 -5.91 -24.42 16.13
C ARG F 36 -6.54 -24.66 14.77
N ARG F 37 -7.85 -24.48 14.68
CA ARG F 37 -8.57 -24.69 13.43
C ARG F 37 -8.13 -23.69 12.37
N LEU F 38 -7.90 -22.43 12.76
CA LEU F 38 -7.39 -21.46 11.81
C LEU F 38 -6.02 -21.82 11.31
N ALA F 39 -5.15 -22.30 12.19
CA ALA F 39 -3.83 -22.70 11.76
C ALA F 39 -3.89 -23.94 10.88
N ARG F 40 -4.93 -24.76 11.04
CA ARG F 40 -5.19 -25.81 10.06
C ARG F 40 -5.62 -25.19 8.73
N ARG F 41 -6.47 -24.15 8.77
CA ARG F 41 -6.79 -23.41 7.55
C ARG F 41 -5.59 -22.64 7.06
N GLY F 42 -4.76 -22.15 7.98
CA GLY F 42 -3.49 -21.55 7.61
C GLY F 42 -2.40 -22.53 7.26
N GLY F 43 -2.63 -23.82 7.42
CA GLY F 43 -1.68 -24.82 7.00
C GLY F 43 -0.65 -25.22 8.02
N VAL F 44 -0.84 -24.91 9.29
CA VAL F 44 0.11 -25.29 10.32
C VAL F 44 -0.21 -26.71 10.78
N LYS F 45 0.80 -27.58 10.74
CA LYS F 45 0.59 -28.96 11.17
C LYS F 45 0.86 -29.15 12.66
N ARG F 46 1.76 -28.38 13.24
CA ARG F 46 2.08 -28.52 14.66
C ARG F 46 2.21 -27.14 15.29
N ILE F 47 1.46 -26.93 16.37
CA ILE F 47 1.26 -25.63 16.96
C ILE F 47 1.83 -25.67 18.37
N SER F 48 2.82 -24.84 18.66
CA SER F 48 3.33 -24.82 20.02
C SER F 48 2.29 -24.25 20.98
N GLY F 49 2.41 -24.63 22.25
CA GLY F 49 1.60 -24.02 23.28
C GLY F 49 1.92 -22.56 23.51
N LEU F 50 3.11 -22.13 23.10
CA LEU F 50 3.49 -20.72 23.15
C LEU F 50 2.83 -19.91 22.04
N ILE F 51 2.23 -20.58 21.05
CA ILE F 51 1.68 -19.87 19.90
C ILE F 51 0.43 -19.10 20.27
N TYR F 52 -0.46 -19.70 21.06
CA TYR F 52 -1.84 -19.22 21.20
C TYR F 52 -1.90 -17.83 21.83
N GLU F 53 -1.09 -17.59 22.88
CA GLU F 53 -1.21 -16.33 23.61
C GLU F 53 -0.63 -15.17 22.79
N GLU F 54 0.46 -15.41 22.07
CA GLU F 54 1.04 -14.35 21.26
C GLU F 54 0.25 -14.11 19.98
N THR F 55 -0.39 -15.16 19.44
CA THR F 55 -1.35 -14.94 18.36
C THR F 55 -2.53 -14.11 18.85
N ARG F 56 -3.00 -14.38 20.06
CA ARG F 56 -4.02 -13.52 20.66
C ARG F 56 -3.51 -12.09 20.80
N GLY F 57 -2.24 -11.93 21.17
CA GLY F 57 -1.69 -10.58 21.31
C GLY F 57 -1.62 -9.83 19.99
N VAL F 58 -1.20 -10.52 18.93
CA VAL F 58 -1.02 -9.81 17.66
C VAL F 58 -2.37 -9.57 16.97
N LEU F 59 -3.33 -10.49 17.13
CA LEU F 59 -4.67 -10.19 16.64
C LEU F 59 -5.29 -9.09 17.46
N LYS F 60 -4.98 -9.06 18.75
CA LYS F 60 -5.43 -7.99 19.63
C LYS F 60 -4.93 -6.64 19.13
N VAL F 61 -3.64 -6.57 18.78
CA VAL F 61 -3.06 -5.34 18.25
C VAL F 61 -3.74 -4.96 16.94
N PHE F 62 -3.94 -5.95 16.05
CA PHE F 62 -4.56 -5.65 14.76
C PHE F 62 -5.99 -5.17 14.92
N LEU F 63 -6.75 -5.80 15.81
CA LEU F 63 -8.14 -5.40 15.97
C LEU F 63 -8.23 -4.03 16.62
N GLU F 64 -7.30 -3.71 17.54
CA GLU F 64 -7.22 -2.36 18.08
C GLU F 64 -6.94 -1.35 16.99
N ASN F 65 -6.01 -1.68 16.09
CA ASN F 65 -5.68 -0.77 15.01
C ASN F 65 -6.87 -0.55 14.09
N VAL F 66 -7.62 -1.61 13.83
CA VAL F 66 -8.80 -1.48 12.98
C VAL F 66 -9.89 -0.69 13.69
N ILE F 67 -10.19 -1.05 14.94
CA ILE F 67 -11.37 -0.52 15.60
C ILE F 67 -11.13 0.91 16.05
N ARG F 68 -9.88 1.30 16.27
CA ARG F 68 -9.58 2.70 16.58
C ARG F 68 -9.95 3.58 15.41
N ASP F 69 -9.58 3.14 14.21
CA ASP F 69 -9.98 3.84 13.00
C ASP F 69 -11.49 3.79 12.81
N ALA F 70 -12.11 2.66 13.12
CA ALA F 70 -13.55 2.51 12.93
C ALA F 70 -14.33 3.42 13.87
N VAL F 71 -13.88 3.52 15.12
CA VAL F 71 -14.47 4.47 16.05
C VAL F 71 -14.23 5.90 15.59
N THR F 72 -13.04 6.18 15.05
CA THR F 72 -12.76 7.52 14.54
C THR F 72 -13.71 7.89 13.41
N TYR F 73 -13.97 6.93 12.52
CA TYR F 73 -15.03 7.06 11.52
C TYR F 73 -16.38 7.31 12.17
N THR F 74 -16.65 6.61 13.27
CA THR F 74 -17.99 6.63 13.86
C THR F 74 -18.32 7.98 14.48
N GLU F 75 -17.45 8.53 15.33
CA GLU F 75 -17.73 9.91 15.77
C GLU F 75 -17.45 10.92 14.68
N HIS F 76 -16.73 10.54 13.61
CA HIS F 76 -16.75 11.42 12.46
C HIS F 76 -18.10 11.36 11.76
N ALA F 77 -18.81 10.24 11.91
CA ALA F 77 -20.15 10.10 11.34
C ALA F 77 -21.25 10.62 12.25
N LYS F 78 -20.91 11.11 13.45
CA LYS F 78 -21.85 11.54 14.48
C LYS F 78 -22.84 10.44 14.87
N ARG F 79 -22.43 9.18 14.79
CA ARG F 79 -23.30 8.07 15.13
C ARG F 79 -22.89 7.44 16.46
N LYS F 80 -23.77 6.61 16.99
CA LYS F 80 -23.50 5.85 18.19
C LYS F 80 -23.57 4.34 17.95
N THR F 81 -24.05 3.91 16.78
CA THR F 81 -24.09 2.52 16.41
C THR F 81 -23.09 2.29 15.29
N VAL F 82 -22.18 1.34 15.50
CA VAL F 82 -21.12 1.08 14.53
C VAL F 82 -21.69 0.29 13.36
N THR F 83 -21.41 0.75 12.15
CA THR F 83 -21.86 0.08 10.93
C THR F 83 -20.70 -0.69 10.30
N ALA F 84 -21.07 -1.60 9.40
CA ALA F 84 -20.07 -2.42 8.72
C ALA F 84 -19.31 -1.62 7.68
N MET F 85 -19.93 -0.55 7.16
CA MET F 85 -19.37 0.13 6.00
C MET F 85 -18.12 0.91 6.40
N ASP F 86 -18.11 1.44 7.63
CA ASP F 86 -16.91 2.09 8.14
C ASP F 86 -15.81 1.08 8.45
N VAL F 87 -16.20 -0.14 8.86
CA VAL F 87 -15.24 -1.22 9.00
C VAL F 87 -14.58 -1.52 7.66
N VAL F 88 -15.38 -1.50 6.58
CA VAL F 88 -14.82 -1.65 5.23
C VAL F 88 -13.87 -0.51 4.91
N TYR F 89 -14.23 0.73 5.26
CA TYR F 89 -13.35 1.87 5.02
C TYR F 89 -12.03 1.73 5.75
N ALA F 90 -12.07 1.31 7.02
CA ALA F 90 -10.86 1.17 7.81
C ALA F 90 -9.98 0.04 7.28
N LEU F 91 -10.59 -1.06 6.86
CA LEU F 91 -9.82 -2.16 6.30
C LEU F 91 -9.20 -1.78 4.97
N LYS F 92 -9.91 -1.01 4.15
CA LYS F 92 -9.37 -0.58 2.87
C LYS F 92 -8.25 0.42 3.07
N ARG F 93 -8.34 1.22 4.14
CA ARG F 93 -7.22 2.09 4.51
C ARG F 93 -5.98 1.29 4.87
N GLN F 94 -6.15 0.24 5.66
CA GLN F 94 -5.01 -0.55 6.12
C GLN F 94 -4.55 -1.60 5.12
N GLY F 95 -4.98 -1.51 3.87
CA GLY F 95 -4.49 -2.43 2.86
C GLY F 95 -5.03 -3.84 2.97
N ARG F 96 -6.11 -4.04 3.72
CA ARG F 96 -6.74 -5.35 3.90
C ARG F 96 -8.20 -5.27 3.48
N THR F 97 -8.41 -4.78 2.26
CA THR F 97 -9.73 -4.58 1.68
C THR F 97 -10.53 -5.87 1.63
N LEU F 98 -11.77 -5.79 2.10
CA LEU F 98 -12.67 -6.94 2.20
C LEU F 98 -13.83 -6.76 1.23
N TYR F 99 -14.09 -7.80 0.44
CA TYR F 99 -15.22 -7.81 -0.47
C TYR F 99 -16.39 -8.52 0.19
N GLY F 100 -17.59 -8.00 -0.02
CA GLY F 100 -18.80 -8.63 0.49
C GLY F 100 -19.56 -7.81 1.50
N PHE F 101 -19.18 -6.56 1.78
CA PHE F 101 -19.90 -5.75 2.74
C PHE F 101 -20.05 -4.30 2.30
N GLY F 102 -19.50 -3.93 1.14
CA GLY F 102 -19.63 -2.57 0.67
C GLY F 102 -21.03 -2.28 0.17
N GLY F 103 -21.53 -1.09 0.54
CA GLY F 103 -22.85 -0.67 0.14
C GLY F 103 -23.96 -1.41 0.88
N ALA G 28 -9.49 53.45 2.18
CA ALA G 28 -10.20 53.00 0.98
C ALA G 28 -10.15 51.49 0.86
N ARG G 29 -9.16 50.87 1.50
CA ARG G 29 -8.99 49.43 1.46
C ARG G 29 -8.46 48.94 2.78
N ALA G 30 -8.81 47.71 3.14
CA ALA G 30 -8.24 47.09 4.33
C ALA G 30 -6.76 46.78 4.10
N LYS G 31 -5.98 46.84 5.18
CA LYS G 31 -4.56 46.59 5.09
C LYS G 31 -4.31 45.11 4.81
N ALA G 32 -3.35 44.83 3.94
CA ALA G 32 -3.00 43.46 3.61
C ALA G 32 -2.27 42.82 4.78
N LYS G 33 -2.94 41.90 5.46
CA LYS G 33 -2.38 41.14 6.57
C LYS G 33 -2.79 39.70 6.38
N THR G 34 -1.82 38.84 6.05
CA THR G 34 -2.16 37.52 5.53
C THR G 34 -2.72 36.61 6.60
N ARG G 35 -3.47 35.61 6.13
CA ARG G 35 -4.05 34.61 7.02
C ARG G 35 -2.99 33.73 7.65
N SER G 36 -1.82 33.62 7.03
CA SER G 36 -0.70 32.91 7.67
C SER G 36 -0.21 33.68 8.89
N SER G 37 -0.21 35.01 8.80
CA SER G 37 0.06 35.83 9.98
C SER G 37 -1.11 35.77 10.96
N ARG G 38 -2.33 35.57 10.45
CA ARG G 38 -3.48 35.38 11.35
C ARG G 38 -3.32 34.12 12.16
N ALA G 39 -2.82 33.05 11.54
CA ALA G 39 -2.42 31.87 12.27
C ALA G 39 -1.14 32.09 13.05
N GLY G 40 -0.38 33.11 12.70
CA GLY G 40 0.94 33.30 13.27
C GLY G 40 1.91 32.23 12.85
N LEU G 41 1.63 31.54 11.74
CA LEU G 41 2.38 30.39 11.30
C LEU G 41 2.98 30.69 9.94
N GLN G 42 4.18 30.14 9.70
CA GLN G 42 4.97 30.45 8.51
C GLN G 42 4.48 29.74 7.26
N PHE G 43 3.85 28.57 7.42
CA PHE G 43 3.28 27.86 6.29
C PHE G 43 2.12 28.65 5.69
N PRO G 44 2.06 28.73 4.36
CA PRO G 44 1.03 29.55 3.70
C PRO G 44 -0.35 28.94 3.84
N VAL G 45 -1.25 29.70 4.45
CA VAL G 45 -2.66 29.38 4.38
C VAL G 45 -3.12 29.40 2.93
N GLY G 46 -2.71 30.43 2.19
CA GLY G 46 -3.19 30.60 0.82
C GLY G 46 -2.71 29.52 -0.12
N ARG G 47 -1.42 29.18 -0.05
CA ARG G 47 -0.88 28.19 -0.98
C ARG G 47 -1.40 26.79 -0.69
N VAL G 48 -1.47 26.42 0.58
CA VAL G 48 -2.00 25.10 0.94
C VAL G 48 -3.49 25.03 0.61
N HIS G 49 -4.20 26.14 0.79
CA HIS G 49 -5.62 26.18 0.43
C HIS G 49 -5.83 26.01 -1.07
N ARG G 50 -5.02 26.69 -1.89
CA ARG G 50 -5.18 26.56 -3.33
C ARG G 50 -4.70 25.21 -3.84
N LEU G 51 -3.73 24.58 -3.16
CA LEU G 51 -3.33 23.22 -3.55
C LEU G 51 -4.40 22.20 -3.17
N LEU G 52 -5.08 22.40 -2.05
CA LEU G 52 -6.20 21.52 -1.71
C LEU G 52 -7.37 21.72 -2.67
N ARG G 53 -7.66 22.97 -3.04
CA ARG G 53 -8.76 23.22 -3.96
C ARG G 53 -8.45 22.72 -5.37
N LYS G 54 -7.21 22.89 -5.81
CA LYS G 54 -6.77 22.44 -7.12
C LYS G 54 -6.58 20.93 -7.15
N GLY G 55 -6.33 20.30 -6.00
CA GLY G 55 -6.02 18.89 -5.94
C GLY G 55 -7.19 17.96 -6.14
N ASN G 56 -8.39 18.49 -6.36
CA ASN G 56 -9.60 17.74 -6.72
C ASN G 56 -9.98 16.73 -5.65
N TYR G 57 -10.09 17.19 -4.41
CA TYR G 57 -10.54 16.37 -3.29
C TYR G 57 -11.98 16.71 -2.90
N SER G 58 -12.34 17.98 -2.95
CA SER G 58 -13.72 18.42 -3.01
C SER G 58 -13.71 19.82 -3.63
N GLU G 59 -14.85 20.19 -4.22
CA GLU G 59 -14.94 21.51 -4.85
C GLU G 59 -15.04 22.61 -3.80
N ARG G 60 -15.40 22.25 -2.57
CA ARG G 60 -15.63 23.18 -1.48
C ARG G 60 -14.88 22.66 -0.26
N VAL G 61 -14.25 23.56 0.48
CA VAL G 61 -13.36 23.20 1.58
C VAL G 61 -13.71 24.09 2.78
N GLY G 62 -13.86 23.48 3.95
CA GLY G 62 -14.09 24.24 5.16
C GLY G 62 -12.90 25.12 5.52
N ALA G 63 -13.21 26.22 6.21
CA ALA G 63 -12.19 27.23 6.50
C ALA G 63 -11.15 26.73 7.47
N GLY G 64 -11.55 25.93 8.45
CA GLY G 64 -10.61 25.40 9.40
C GLY G 64 -9.72 24.30 8.87
N ALA G 65 -10.09 23.72 7.74
CA ALA G 65 -9.30 22.63 7.17
C ALA G 65 -7.88 23.04 6.78
N PRO G 66 -7.62 24.11 6.00
CA PRO G 66 -6.23 24.40 5.66
C PRO G 66 -5.43 24.97 6.81
N VAL G 67 -6.03 25.73 7.72
CA VAL G 67 -5.28 26.24 8.86
C VAL G 67 -4.92 25.10 9.80
N TYR G 68 -5.83 24.14 9.99
CA TYR G 68 -5.53 22.97 10.80
C TYR G 68 -4.43 22.13 10.13
N LEU G 69 -4.53 21.95 8.81
CA LEU G 69 -3.52 21.22 8.08
C LEU G 69 -2.16 21.89 8.15
N ALA G 70 -2.12 23.22 7.98
CA ALA G 70 -0.85 23.93 7.99
C ALA G 70 -0.23 23.91 9.38
N ALA G 71 -1.06 23.98 10.43
CA ALA G 71 -0.56 23.83 11.77
C ALA G 71 0.05 22.45 11.98
N VAL G 72 -0.61 21.41 11.46
CA VAL G 72 -0.08 20.05 11.56
C VAL G 72 1.25 19.94 10.84
N LEU G 73 1.31 20.45 9.62
CA LEU G 73 2.52 20.34 8.81
C LEU G 73 3.69 21.09 9.43
N GLU G 74 3.45 22.32 9.88
CA GLU G 74 4.53 23.10 10.48
C GLU G 74 5.00 22.48 11.77
N TYR G 75 4.08 21.93 12.56
CA TYR G 75 4.49 21.22 13.77
C TYR G 75 5.31 19.98 13.45
N LEU G 76 4.84 19.17 12.48
CA LEU G 76 5.57 17.96 12.08
C LEU G 76 6.97 18.30 11.63
N THR G 77 7.10 19.29 10.75
CA THR G 77 8.40 19.76 10.30
C THR G 77 9.19 20.33 11.47
N ALA G 78 8.51 20.82 12.51
CA ALA G 78 9.24 21.32 13.67
C ALA G 78 9.95 20.19 14.40
N GLU G 79 9.30 19.04 14.64
CA GLU G 79 10.09 18.00 15.33
C GLU G 79 11.11 17.38 14.38
N ILE G 80 10.82 17.39 13.07
CA ILE G 80 11.83 16.96 12.10
C ILE G 80 13.07 17.84 12.22
N LEU G 81 12.87 19.15 12.32
CA LEU G 81 14.00 20.07 12.44
C LEU G 81 14.68 19.95 13.80
N GLU G 82 13.93 19.63 14.87
CA GLU G 82 14.58 19.39 16.16
C GLU G 82 15.52 18.21 16.09
N LEU G 83 15.01 17.08 15.60
CA LEU G 83 15.82 15.88 15.53
C LEU G 83 16.99 16.04 14.58
N ALA G 84 16.76 16.75 13.47
CA ALA G 84 17.85 17.08 12.56
C ALA G 84 18.89 17.96 13.24
N GLY G 85 18.44 18.92 14.06
CA GLY G 85 19.39 19.79 14.75
C GLY G 85 20.22 19.05 15.78
N ASN G 86 19.61 18.17 16.55
CA ASN G 86 20.38 17.38 17.51
C ASN G 86 21.27 16.36 16.80
N ALA G 87 20.83 15.83 15.66
CA ALA G 87 21.68 14.94 14.88
C ALA G 87 22.90 15.66 14.35
N ALA G 88 22.71 16.90 13.87
CA ALA G 88 23.83 17.69 13.37
C ALA G 88 24.77 18.09 14.50
N ARG G 89 24.21 18.45 15.65
CA ARG G 89 25.03 18.83 16.81
C ARG G 89 25.84 17.65 17.31
N ASP G 90 25.26 16.44 17.23
CA ASP G 90 26.00 15.23 17.60
C ASP G 90 27.19 14.99 16.67
N ASN G 91 27.01 15.18 15.37
CA ASN G 91 28.10 14.98 14.43
C ASN G 91 28.89 16.25 14.14
N LYS G 92 28.85 17.21 15.07
CA LYS G 92 29.68 18.43 15.13
C LYS G 92 29.68 19.23 13.83
N LYS G 93 28.59 19.17 13.08
CA LYS G 93 28.39 20.03 11.92
C LYS G 93 27.20 20.93 12.19
N THR G 94 27.28 22.19 11.76
CA THR G 94 26.16 23.09 11.97
C THR G 94 25.09 22.98 10.91
N ARG G 95 25.35 22.23 9.84
CA ARG G 95 24.44 22.18 8.70
C ARG G 95 23.79 20.82 8.59
N ILE G 96 22.53 20.79 8.17
CA ILE G 96 21.77 19.56 8.06
C ILE G 96 22.19 18.82 6.81
N ILE G 97 22.50 17.54 6.95
CA ILE G 97 22.84 16.70 5.81
C ILE G 97 21.74 15.64 5.81
N PRO G 98 21.41 15.01 4.69
CA PRO G 98 20.44 13.90 4.73
C PRO G 98 20.86 12.69 5.54
N ARG G 99 22.14 12.51 5.87
CA ARG G 99 22.49 11.50 6.86
C ARG G 99 21.87 11.81 8.21
N HIS G 100 21.89 13.10 8.59
CA HIS G 100 21.17 13.54 9.78
C HIS G 100 19.68 13.25 9.66
N LEU G 101 19.14 13.39 8.45
CA LEU G 101 17.73 13.11 8.24
C LEU G 101 17.44 11.62 8.43
N GLN G 102 18.33 10.76 7.96
CA GLN G 102 18.22 9.32 8.19
C GLN G 102 18.22 8.99 9.67
N LEU G 103 19.16 9.58 10.40
CA LEU G 103 19.26 9.31 11.84
C LEU G 103 18.06 9.90 12.58
N ALA G 104 17.51 11.00 12.06
CA ALA G 104 16.37 11.66 12.69
C ALA G 104 15.08 10.86 12.48
N ILE G 105 14.87 10.37 11.26
CA ILE G 105 13.62 9.67 10.96
C ILE G 105 13.64 8.28 11.59
N ARG G 106 14.70 7.52 11.35
CA ARG G 106 14.66 6.10 11.69
C ARG G 106 14.80 5.85 13.18
N ASN G 107 15.16 6.86 13.97
CA ASN G 107 15.27 6.67 15.40
C ASN G 107 14.02 7.09 16.17
N ASP G 108 12.94 7.45 15.48
CA ASP G 108 11.68 7.83 16.11
C ASP G 108 10.61 6.85 15.67
N GLU G 109 9.95 6.21 16.65
CA GLU G 109 9.04 5.13 16.34
C GLU G 109 7.76 5.62 15.65
N GLU G 110 7.25 6.79 16.04
CA GLU G 110 6.08 7.32 15.35
C GLU G 110 6.43 7.86 13.98
N LEU G 111 7.61 8.47 13.83
CA LEU G 111 8.07 8.87 12.51
C LEU G 111 8.34 7.66 11.63
N ASN G 112 8.85 6.58 12.24
CA ASN G 112 9.07 5.33 11.50
C ASN G 112 7.74 4.76 11.02
N LYS G 113 6.72 4.77 11.88
CA LYS G 113 5.39 4.33 11.48
C LYS G 113 4.81 5.23 10.40
N LEU G 114 5.18 6.51 10.44
CA LEU G 114 4.77 7.41 9.37
C LEU G 114 5.50 7.11 8.07
N LEU G 115 6.79 6.80 8.17
CA LEU G 115 7.65 6.67 6.99
C LEU G 115 8.32 5.30 6.91
N GLY G 116 7.54 4.23 7.08
CA GLY G 116 8.10 2.90 6.93
C GLY G 116 8.50 2.56 5.50
N ARG G 117 7.72 3.04 4.54
CA ARG G 117 7.90 2.70 3.13
C ARG G 117 8.58 3.82 2.34
N VAL G 118 9.12 4.82 3.03
CA VAL G 118 9.63 6.03 2.38
C VAL G 118 11.15 5.90 2.23
N THR G 119 11.65 6.21 1.03
CA THR G 119 13.06 6.08 0.72
C THR G 119 13.71 7.47 0.71
N ILE G 120 14.92 7.55 1.25
CA ILE G 120 15.64 8.81 1.43
C ILE G 120 16.88 8.80 0.55
N ALA G 121 17.09 9.87 -0.21
CA ALA G 121 18.25 9.97 -1.08
C ALA G 121 19.53 10.19 -0.26
N GLN G 122 20.53 9.34 -0.51
CA GLN G 122 21.87 9.43 0.07
C GLN G 122 21.84 9.42 1.60
N GLY G 123 20.87 8.71 2.18
CA GLY G 123 20.73 8.68 3.62
C GLY G 123 21.45 7.51 4.26
N GLY G 124 21.64 6.45 3.50
CA GLY G 124 22.20 5.26 4.09
C GLY G 124 21.16 4.57 4.96
N VAL G 125 21.64 3.93 6.01
CA VAL G 125 20.80 3.22 6.95
C VAL G 125 21.18 3.62 8.36
N LEU G 126 20.45 3.07 9.33
CA LEU G 126 20.87 3.18 10.72
C LEU G 126 22.16 2.41 10.93
N PRO G 127 23.01 2.84 11.85
CA PRO G 127 24.07 1.95 12.34
C PRO G 127 23.41 0.77 13.05
N ASN G 128 23.42 -0.37 12.39
CA ASN G 128 22.61 -1.49 12.85
C ASN G 128 23.36 -2.79 12.55
N ILE G 129 23.82 -3.45 13.59
CA ILE G 129 24.45 -4.75 13.48
C ILE G 129 23.71 -5.71 14.40
N GLN G 130 23.49 -6.93 13.92
CA GLN G 130 22.91 -7.95 14.77
C GLN G 130 23.95 -8.48 15.73
N ALA G 131 23.50 -8.95 16.90
CA ALA G 131 24.42 -9.37 17.95
C ALA G 131 25.19 -10.62 17.57
N VAL G 132 24.64 -11.44 16.67
CA VAL G 132 25.33 -12.64 16.22
C VAL G 132 26.55 -12.32 15.37
N LEU G 133 26.62 -11.12 14.79
CA LEU G 133 27.74 -10.76 13.94
C LEU G 133 28.97 -10.36 14.73
N LEU G 134 28.81 -10.01 16.00
CA LEU G 134 29.95 -9.60 16.81
C LEU G 134 30.76 -10.81 17.27
N PRO G 135 32.07 -10.63 17.49
CA PRO G 135 32.88 -11.75 17.98
C PRO G 135 32.53 -12.13 19.41
N LYS G 136 32.86 -13.37 19.76
CA LYS G 136 32.56 -13.99 21.06
C LYS G 136 31.08 -13.92 21.43
N LYS H 31 15.07 33.97 -20.31
CA LYS H 31 13.69 33.82 -19.83
C LYS H 31 13.50 32.47 -19.16
N ARG H 32 12.94 32.48 -17.95
CA ARG H 32 12.67 31.27 -17.19
C ARG H 32 11.29 31.35 -16.55
N SER H 33 10.79 30.20 -16.13
CA SER H 33 9.49 30.07 -15.49
C SER H 33 9.67 29.67 -14.04
N ARG H 34 8.92 30.33 -13.14
CA ARG H 34 9.08 30.09 -11.71
C ARG H 34 8.59 28.70 -11.32
N LYS H 35 9.36 28.04 -10.47
CA LYS H 35 8.99 26.76 -9.89
C LYS H 35 8.85 26.94 -8.37
N GLU H 36 7.66 26.66 -7.85
CA GLU H 36 7.38 26.93 -6.45
C GLU H 36 7.89 25.81 -5.57
N SER H 37 8.48 26.18 -4.43
CA SER H 37 8.98 25.22 -3.46
C SER H 37 8.88 25.83 -2.07
N TYR H 38 8.96 24.96 -1.07
CA TYR H 38 8.70 25.35 0.31
C TYR H 38 9.95 25.81 1.06
N SER H 39 10.92 26.38 0.34
CA SER H 39 12.25 26.61 0.90
C SER H 39 12.22 27.59 2.07
N VAL H 40 11.59 28.74 1.87
CA VAL H 40 11.73 29.83 2.82
C VAL H 40 10.99 29.52 4.11
N TYR H 41 9.91 28.73 4.06
CA TYR H 41 9.14 28.45 5.27
C TYR H 41 9.89 27.49 6.19
N VAL H 42 10.45 26.43 5.61
CA VAL H 42 11.25 25.50 6.40
C VAL H 42 12.50 26.17 6.91
N TYR H 43 13.07 27.08 6.12
CA TYR H 43 14.18 27.92 6.59
C TYR H 43 13.75 28.79 7.78
N LYS H 44 12.56 29.37 7.70
CA LYS H 44 12.04 30.21 8.79
C LYS H 44 11.89 29.42 10.07
N VAL H 45 11.25 28.26 10.00
CA VAL H 45 10.97 27.53 11.24
C VAL H 45 12.22 26.85 11.77
N LEU H 46 13.16 26.50 10.88
CA LEU H 46 14.47 26.03 11.33
C LEU H 46 15.20 27.10 12.12
N LYS H 47 15.24 28.33 11.61
CA LYS H 47 15.92 29.38 12.36
C LYS H 47 15.13 29.82 13.58
N GLN H 48 13.81 29.61 13.58
CA GLN H 48 13.02 29.83 14.78
C GLN H 48 13.42 28.86 15.88
N VAL H 49 13.66 27.59 15.53
CA VAL H 49 13.89 26.58 16.56
C VAL H 49 15.38 26.30 16.72
N HIS H 50 16.18 26.63 15.71
CA HIS H 50 17.63 26.47 15.79
C HIS H 50 18.23 27.63 15.00
N PRO H 51 18.49 28.76 15.67
CA PRO H 51 19.05 29.92 14.96
C PRO H 51 20.44 29.68 14.40
N ASP H 52 21.19 28.78 15.01
CA ASP H 52 22.59 28.54 14.68
C ASP H 52 22.79 27.41 13.69
N THR H 53 21.73 26.80 13.18
CA THR H 53 21.84 25.57 12.41
C THR H 53 21.72 25.84 10.92
N GLY H 54 22.66 25.28 10.15
CA GLY H 54 22.67 25.40 8.71
C GLY H 54 21.82 24.35 8.03
N ILE H 55 21.96 24.29 6.71
CA ILE H 55 21.12 23.44 5.87
C ILE H 55 21.86 23.10 4.59
N SER H 56 21.56 21.92 4.05
CA SER H 56 21.96 21.57 2.69
C SER H 56 20.73 21.50 1.79
N SER H 57 20.95 21.70 0.49
CA SER H 57 19.85 21.88 -0.44
C SER H 57 19.13 20.57 -0.72
N LYS H 58 19.87 19.46 -0.76
CA LYS H 58 19.23 18.18 -1.03
C LYS H 58 18.46 17.69 0.20
N ALA H 59 18.89 18.11 1.39
CA ALA H 59 18.04 17.98 2.56
C ALA H 59 16.72 18.73 2.37
N MET H 60 16.78 19.92 1.76
CA MET H 60 15.55 20.64 1.44
C MET H 60 14.73 19.94 0.36
N GLY H 61 15.39 19.24 -0.56
CA GLY H 61 14.64 18.42 -1.49
C GLY H 61 13.88 17.31 -0.80
N ILE H 62 14.51 16.69 0.20
CA ILE H 62 13.82 15.66 0.98
C ILE H 62 12.67 16.27 1.78
N MET H 63 12.86 17.49 2.30
CA MET H 63 11.77 18.20 2.96
C MET H 63 10.61 18.54 2.02
N ASN H 64 10.91 18.96 0.78
CA ASN H 64 9.84 19.24 -0.17
C ASN H 64 9.09 17.96 -0.50
N SER H 65 9.82 16.86 -0.66
CA SER H 65 9.19 15.57 -0.90
C SER H 65 8.33 15.15 0.28
N PHE H 66 8.80 15.41 1.49
CA PHE H 66 8.03 15.14 2.70
C PHE H 66 6.75 15.95 2.75
N VAL H 67 6.83 17.26 2.51
CA VAL H 67 5.65 18.09 2.68
C VAL H 67 4.61 17.77 1.62
N ASN H 68 5.05 17.52 0.38
CA ASN H 68 4.08 17.11 -0.64
C ASN H 68 3.52 15.73 -0.36
N ASP H 69 4.34 14.80 0.14
CA ASP H 69 3.88 13.44 0.42
C ASP H 69 2.85 13.42 1.52
N ILE H 70 3.14 14.05 2.64
CA ILE H 70 2.20 14.04 3.75
C ILE H 70 0.96 14.88 3.42
N PHE H 71 1.15 15.94 2.63
CA PHE H 71 0.03 16.76 2.18
C PHE H 71 -0.93 15.94 1.34
N GLU H 72 -0.40 15.12 0.42
CA GLU H 72 -1.30 14.34 -0.43
C GLU H 72 -1.92 13.19 0.34
N ARG H 73 -1.20 12.62 1.32
CA ARG H 73 -1.80 11.60 2.19
C ARG H 73 -3.02 12.16 2.92
N ILE H 74 -2.84 13.31 3.57
CA ILE H 74 -3.90 13.90 4.37
C ILE H 74 -5.05 14.36 3.46
N ALA H 75 -4.71 14.90 2.29
CA ALA H 75 -5.73 15.39 1.35
C ALA H 75 -6.56 14.24 0.77
N GLY H 76 -5.91 13.12 0.42
CA GLY H 76 -6.65 11.98 -0.07
C GLY H 76 -7.53 11.36 1.00
N GLU H 77 -7.03 11.29 2.23
CA GLU H 77 -7.86 10.77 3.32
C GLU H 77 -9.04 11.69 3.59
N ALA H 78 -8.83 13.00 3.53
CA ALA H 78 -9.92 13.95 3.73
C ALA H 78 -10.96 13.84 2.64
N SER H 79 -10.51 13.63 1.39
CA SER H 79 -11.45 13.39 0.30
C SER H 79 -12.24 12.11 0.53
N ARG H 80 -11.57 11.07 1.03
CA ARG H 80 -12.26 9.82 1.34
C ARG H 80 -13.33 10.02 2.41
N LEU H 81 -13.00 10.74 3.48
CA LEU H 81 -13.98 11.02 4.53
C LEU H 81 -15.12 11.89 4.05
N ALA H 82 -14.83 12.84 3.15
CA ALA H 82 -15.90 13.65 2.57
C ALA H 82 -16.84 12.79 1.74
N HIS H 83 -16.29 11.81 1.02
CA HIS H 83 -17.11 10.91 0.24
C HIS H 83 -17.94 9.97 1.11
N TYR H 84 -17.35 9.46 2.20
CA TYR H 84 -18.01 8.42 2.98
C TYR H 84 -19.23 8.94 3.70
N ASN H 85 -19.11 10.14 4.27
CA ASN H 85 -20.20 10.78 4.99
C ASN H 85 -20.98 11.74 4.12
N LYS H 86 -20.85 11.62 2.80
CA LYS H 86 -21.66 12.36 1.82
C LYS H 86 -21.47 13.86 1.96
N ARG H 87 -20.29 14.25 2.40
CA ARG H 87 -19.96 15.65 2.62
C ARG H 87 -19.30 16.22 1.37
N SER H 88 -19.87 17.31 0.85
CA SER H 88 -19.28 17.98 -0.29
C SER H 88 -18.21 18.97 0.12
N THR H 89 -18.02 19.18 1.41
CA THR H 89 -17.08 20.17 1.93
C THR H 89 -16.14 19.50 2.92
N ILE H 90 -14.85 19.72 2.75
CA ILE H 90 -13.84 19.19 3.65
C ILE H 90 -13.50 20.27 4.67
N THR H 91 -13.83 20.04 5.93
CA THR H 91 -13.58 20.98 6.99
C THR H 91 -12.48 20.47 7.91
N SER H 92 -12.24 21.24 8.98
CA SER H 92 -11.23 20.88 9.97
C SER H 92 -11.55 19.59 10.68
N ARG H 93 -12.82 19.23 10.80
CA ARG H 93 -13.19 17.96 11.41
C ARG H 93 -12.71 16.80 10.54
N GLU H 94 -12.83 16.95 9.22
CA GLU H 94 -12.30 15.95 8.30
C GLU H 94 -10.80 15.82 8.43
N ILE H 95 -10.11 16.95 8.53
CA ILE H 95 -8.65 16.93 8.60
C ILE H 95 -8.20 16.30 9.91
N GLN H 96 -8.89 16.63 11.00
CA GLN H 96 -8.57 16.06 12.31
C GLN H 96 -8.82 14.57 12.33
N THR H 97 -9.92 14.14 11.69
CA THR H 97 -10.20 12.73 11.54
C THR H 97 -9.08 12.03 10.77
N ALA H 98 -8.61 12.66 9.69
CA ALA H 98 -7.51 12.09 8.92
C ALA H 98 -6.22 12.05 9.74
N VAL H 99 -6.04 13.03 10.63
CA VAL H 99 -4.88 13.02 11.51
C VAL H 99 -4.93 11.84 12.48
N ARG H 100 -6.10 11.60 13.08
CA ARG H 100 -6.22 10.45 13.97
C ARG H 100 -6.07 9.14 13.20
N LEU H 101 -6.48 9.12 11.94
CA LEU H 101 -6.29 7.91 11.16
C LEU H 101 -4.82 7.68 10.84
N LEU H 102 -4.22 8.60 10.08
CA LEU H 102 -2.91 8.34 9.51
C LEU H 102 -1.80 8.63 10.51
N LEU H 103 -1.85 9.78 11.16
CA LEU H 103 -0.77 10.15 12.07
C LEU H 103 -0.91 9.37 13.36
N PRO H 104 0.09 8.57 13.74
CA PRO H 104 -0.10 7.65 14.87
C PRO H 104 0.19 8.31 16.21
N GLY H 105 -0.75 8.12 17.15
CA GLY H 105 -0.50 8.27 18.57
C GLY H 105 -0.18 9.64 19.12
N GLU H 106 1.03 9.79 19.66
CA GLU H 106 1.41 10.98 20.39
C GLU H 106 1.45 12.21 19.49
N LEU H 107 2.00 12.06 18.29
CA LEU H 107 2.05 13.16 17.33
C LEU H 107 0.65 13.63 16.97
N ALA H 108 -0.30 12.69 16.90
CA ALA H 108 -1.68 13.04 16.62
C ALA H 108 -2.26 13.91 17.73
N LYS H 109 -1.99 13.57 18.99
CA LYS H 109 -2.52 14.34 20.10
C LYS H 109 -1.89 15.73 20.18
N HIS H 110 -0.57 15.81 19.96
CA HIS H 110 0.03 17.14 19.88
C HIS H 110 -0.55 17.97 18.75
N ALA H 111 -0.69 17.37 17.57
CA ALA H 111 -1.19 18.09 16.40
C ALA H 111 -2.61 18.57 16.63
N VAL H 112 -3.44 17.73 17.25
CA VAL H 112 -4.77 18.13 17.67
C VAL H 112 -4.69 19.33 18.59
N SER H 113 -3.74 19.32 19.52
CA SER H 113 -3.65 20.39 20.51
C SER H 113 -3.31 21.73 19.84
N GLU H 114 -2.23 21.75 19.04
CA GLU H 114 -1.85 23.03 18.44
C GLU H 114 -2.80 23.42 17.33
N GLY H 115 -3.46 22.46 16.68
CA GLY H 115 -4.48 22.82 15.71
C GLY H 115 -5.71 23.42 16.34
N THR H 116 -6.09 22.94 17.52
CA THR H 116 -7.21 23.51 18.21
C THR H 116 -6.88 24.93 18.67
N LYS H 117 -5.67 25.10 19.20
CA LYS H 117 -5.14 26.44 19.45
C LYS H 117 -5.14 27.29 18.18
N ALA H 118 -4.81 26.67 17.05
CA ALA H 118 -4.59 27.43 15.83
C ALA H 118 -5.90 27.92 15.23
N VAL H 119 -6.92 27.05 15.22
CA VAL H 119 -8.25 27.48 14.77
C VAL H 119 -8.86 28.45 15.76
N THR H 120 -8.55 28.29 17.06
CA THR H 120 -9.08 29.20 18.07
C THR H 120 -8.56 30.61 17.87
N LYS H 121 -7.23 30.76 17.80
CA LYS H 121 -6.66 32.07 17.56
C LYS H 121 -7.03 32.60 16.18
N TYR H 122 -7.26 31.69 15.22
CA TYR H 122 -7.71 32.12 13.91
C TYR H 122 -9.12 32.68 13.93
N THR H 123 -10.02 32.05 14.68
CA THR H 123 -11.37 32.60 14.83
C THR H 123 -11.35 33.88 15.62
N SER H 124 -10.39 34.03 16.54
CA SER H 124 -10.25 35.30 17.22
C SER H 124 -9.56 36.34 16.34
N ALA H 125 -8.96 35.94 15.24
CA ALA H 125 -8.34 36.92 14.34
C ALA H 125 -9.19 37.15 13.10
#